data_9MSP
#
_entry.id   9MSP
#
_cell.length_a   103.339
_cell.length_b   107.886
_cell.length_c   268.423
_cell.angle_alpha   90.00
_cell.angle_beta   90.00
_cell.angle_gamma   90.00
#
_symmetry.space_group_name_H-M   'C 2 2 21'
#
loop_
_entity.id
_entity.type
_entity.pdbx_description
1 polymer 'Protein OPG161'
2 polymer 'EV35-7 heavy chain'
3 polymer 'EV35-7 light chain'
4 non-polymer 'ACETATE ION'
5 non-polymer 1,2-ETHANEDIOL
6 non-polymer 'SULFATE ION'
7 water water
#
loop_
_entity_poly.entity_id
_entity_poly.type
_entity_poly.pdbx_seq_one_letter_code
_entity_poly.pdbx_strand_id
1 'polypeptide(L)'
;STTQYDHKESCNGLYYQGSCYILHSDYKSFEDAKANCAAESSTLPNKSDVLTTWLIDYVEDTWGSDGNPITKTTSDYQDS
DVSQEVRKYFCTGSHHHHHH
;
E,F,A,B
2 'polypeptide(L)'
;QVQLVESGGGVVQPGRSLRLSCAASGFTFSRHGMHWVRQAPGKGLEWVTVISYDGIKKYYTDSVKGRFTISRDNSKNTLY
LQMNSLRPDDTAVYYCARQDCGGDCFSRFDSWGQGTLVTVSSASTKGPSVFPLAPSSKSTSGGTAALGCLVKDYFPEPVT
VSWNSGALTSGVHTFPAVLQSSGLYSLSSVVTVPSSSLGTQTYICNVNHKPSNTKVDKKVEPKSC
;
H,C
3 'polypeptide(L)'
;DIQMTQSPSTLSASVGDRVTITCRASQSISSWLAWYQQKPGKAPKLLMYKASSLESGVPSRFSGSGSGTEFTLTISSLQP
DDFATYYCQQYNSYSLTFGPGTKVDLKRTVAAPSVFIFPPSDEQLKSGTASVVCLLNNFYPREAKVQWKVDNALQSGNSQ
ESVTEQDSKDSTYSLSSTLTLSKADYEKHKVYACEVTQGTTSVTKSFNRGEC
;
L,D
#
# COMPACT_ATOMS: atom_id res chain seq x y z
N SER A 10 22.12 2.85 18.52
CA SER A 10 21.10 2.79 19.56
C SER A 10 20.20 4.03 19.52
N CYS A 11 20.49 4.93 18.59
CA CYS A 11 19.75 6.18 18.44
C CYS A 11 18.97 6.14 17.12
N ASN A 12 17.66 5.94 17.21
CA ASN A 12 16.79 5.97 16.04
C ASN A 12 16.35 7.41 15.75
N GLY A 13 17.34 8.25 15.48
CA GLY A 13 17.13 9.65 15.20
C GLY A 13 18.42 10.36 14.87
N LEU A 14 18.59 11.58 15.38
CA LEU A 14 19.76 12.39 15.12
C LEU A 14 20.72 12.28 16.30
N TYR A 15 21.95 11.82 16.04
CA TYR A 15 22.98 11.73 17.06
C TYR A 15 23.99 12.86 16.85
N TYR A 16 24.20 13.68 17.87
CA TYR A 16 25.21 14.73 17.78
C TYR A 16 25.84 14.94 19.15
N GLN A 17 27.14 14.64 19.25
CA GLN A 17 27.94 14.87 20.45
C GLN A 17 27.28 14.28 21.70
N GLY A 18 26.98 12.98 21.63
CA GLY A 18 26.46 12.24 22.76
C GLY A 18 24.99 12.42 23.06
N SER A 19 24.28 13.22 22.27
CA SER A 19 22.86 13.46 22.48
C SER A 19 22.07 12.85 21.33
N CYS A 20 20.95 12.20 21.66
CA CYS A 20 20.09 11.59 20.67
C CYS A 20 18.79 12.38 20.60
N TYR A 21 18.42 12.81 19.38
CA TYR A 21 17.21 13.58 19.14
C TYR A 21 16.21 12.71 18.41
N ILE A 22 15.04 12.53 18.99
CA ILE A 22 13.99 11.68 18.45
C ILE A 22 12.87 12.57 17.95
N LEU A 23 12.51 12.41 16.68
CA LEU A 23 11.46 13.23 16.07
C LEU A 23 10.08 12.71 16.45
N HIS A 24 9.20 13.62 16.84
CA HIS A 24 7.78 13.32 17.05
C HIS A 24 6.98 14.07 16.00
N SER A 25 6.37 13.33 15.07
CA SER A 25 5.75 13.94 13.90
C SER A 25 4.34 14.44 14.16
N ASP A 26 3.69 14.05 15.26
CA ASP A 26 2.39 14.62 15.58
C ASP A 26 2.55 16.08 16.01
N TYR A 27 1.71 16.94 15.44
CA TYR A 27 1.72 18.36 15.79
C TYR A 27 1.11 18.55 17.17
N LYS A 28 1.82 19.25 18.05
CA LYS A 28 1.34 19.48 19.42
C LYS A 28 1.61 20.91 19.81
N SER A 29 0.83 21.40 20.78
CA SER A 29 1.15 22.67 21.42
C SER A 29 2.47 22.55 22.18
N PHE A 30 3.05 23.70 22.53
CA PHE A 30 4.31 23.67 23.26
C PHE A 30 4.17 22.95 24.60
N GLU A 31 3.09 23.22 25.33
CA GLU A 31 2.91 22.61 26.64
C GLU A 31 2.79 21.08 26.53
N ASP A 32 2.02 20.60 25.57
CA ASP A 32 1.87 19.15 25.43
C ASP A 32 3.14 18.51 24.87
N ALA A 33 3.84 19.21 23.97
CA ALA A 33 5.12 18.70 23.49
C ALA A 33 6.11 18.58 24.64
N LYS A 34 6.16 19.60 25.49
CA LYS A 34 7.08 19.58 26.62
C LYS A 34 6.72 18.47 27.61
N ALA A 35 5.41 18.28 27.86
CA ALA A 35 4.98 17.21 28.75
C ALA A 35 5.29 15.83 28.17
N ASN A 36 5.14 15.69 26.84
CA ASN A 36 5.40 14.39 26.22
C ASN A 36 6.86 14.00 26.34
N CYS A 37 7.79 14.96 26.17
CA CYS A 37 9.20 14.65 26.38
C CYS A 37 9.47 14.33 27.85
N ALA A 38 8.85 15.08 28.77
CA ALA A 38 9.08 14.85 30.20
C ALA A 38 8.61 13.47 30.64
N ALA A 39 7.55 12.96 30.03
CA ALA A 39 7.05 11.63 30.38
C ALA A 39 8.04 10.52 30.03
N GLU A 40 9.06 10.82 29.22
CA GLU A 40 10.12 9.86 28.89
C GLU A 40 11.48 10.31 29.39
N SER A 41 11.53 11.15 30.43
CA SER A 41 12.78 11.69 30.97
C SER A 41 13.60 12.37 29.89
N SER A 42 12.94 13.18 29.08
CA SER A 42 13.57 13.87 27.97
C SER A 42 13.13 15.34 27.99
N THR A 43 13.82 16.14 27.19
CA THR A 43 13.53 17.56 27.07
C THR A 43 13.47 17.95 25.61
N LEU A 44 12.88 19.12 25.36
CA LEU A 44 12.94 19.71 24.04
C LEU A 44 14.34 20.26 23.81
N PRO A 45 14.78 20.37 22.56
CA PRO A 45 16.13 20.87 22.30
C PRO A 45 16.30 22.30 22.79
N ASN A 46 17.50 22.59 23.28
CA ASN A 46 17.90 23.95 23.60
C ASN A 46 18.43 24.58 22.32
N LYS A 47 17.99 25.81 22.02
CA LYS A 47 18.39 26.43 20.76
C LYS A 47 19.89 26.62 20.69
N SER A 48 20.53 26.91 21.83
CA SER A 48 21.97 27.15 21.83
C SER A 48 22.77 25.90 21.50
N ASP A 49 22.17 24.72 21.65
CA ASP A 49 22.91 23.48 21.38
C ASP A 49 22.76 23.00 19.94
N VAL A 50 21.91 23.63 19.12
CA VAL A 50 21.65 23.13 17.78
C VAL A 50 21.80 24.21 16.72
N LEU A 51 21.85 25.49 17.14
CA LEU A 51 21.72 26.59 16.20
C LEU A 51 22.84 26.59 15.17
N THR A 52 24.06 26.33 15.58
CA THR A 52 25.22 26.44 14.70
C THR A 52 25.67 25.09 14.14
N THR A 53 24.88 24.04 14.33
CA THR A 53 25.24 22.69 13.92
C THR A 53 24.43 22.27 12.70
N TRP A 54 24.74 21.09 12.17
CA TRP A 54 23.96 20.55 11.06
C TRP A 54 22.57 20.13 11.47
N LEU A 55 22.30 20.07 12.78
CA LEU A 55 20.96 19.75 13.26
C LEU A 55 19.94 20.83 12.93
N ILE A 56 20.40 22.06 12.65
CA ILE A 56 19.48 23.17 12.50
C ILE A 56 18.51 22.94 11.34
N ASP A 57 18.96 22.25 10.30
CA ASP A 57 18.09 22.00 9.15
C ASP A 57 16.96 21.05 9.50
N TYR A 58 17.16 20.17 10.49
CA TYR A 58 16.09 19.28 10.92
C TYR A 58 15.20 19.92 11.98
N VAL A 59 15.79 20.57 12.98
CA VAL A 59 15.01 21.05 14.12
C VAL A 59 14.38 22.41 13.88
N GLU A 60 14.65 23.04 12.73
CA GLU A 60 14.04 24.33 12.44
C GLU A 60 12.52 24.18 12.39
N ASP A 61 11.83 25.18 12.94
CA ASP A 61 10.37 25.29 13.00
C ASP A 61 9.72 24.34 14.01
N THR A 62 10.50 23.59 14.78
CA THR A 62 9.98 22.76 15.85
C THR A 62 10.17 23.46 17.20
N TRP A 63 9.53 22.91 18.23
CA TRP A 63 9.50 23.57 19.53
C TRP A 63 10.86 23.56 20.21
N GLY A 64 11.28 24.72 20.71
CA GLY A 64 12.43 24.80 21.58
C GLY A 64 12.03 24.78 23.05
N SER A 65 13.01 24.53 23.92
CA SER A 65 12.72 24.39 25.35
C SER A 65 12.18 25.68 25.95
N ASP A 66 12.51 26.82 25.36
CA ASP A 66 12.11 28.12 25.89
C ASP A 66 10.69 28.51 25.49
N GLY A 67 9.96 27.65 24.78
CA GLY A 67 8.60 27.96 24.37
C GLY A 67 8.48 28.57 22.99
N ASN A 68 9.58 28.80 22.30
CA ASN A 68 9.57 29.39 20.98
C ASN A 68 10.06 28.36 19.96
N PRO A 69 9.64 28.48 18.70
CA PRO A 69 10.21 27.63 17.66
C PRO A 69 11.69 27.95 17.46
N ILE A 70 12.45 26.93 17.10
CA ILE A 70 13.87 27.12 16.80
C ILE A 70 13.99 27.70 15.40
N THR A 71 14.62 28.88 15.30
CA THR A 71 14.77 29.62 14.05
C THR A 71 16.26 29.82 13.79
N LYS A 72 16.65 29.90 12.51
CA LYS A 72 18.05 30.14 12.20
C LYS A 72 18.46 31.55 12.67
N THR A 73 17.82 32.57 12.14
CA THR A 73 17.99 33.93 12.64
C THR A 73 16.71 34.30 13.38
N THR A 74 16.87 34.88 14.57
CA THR A 74 15.72 35.22 15.39
C THR A 74 15.23 36.63 15.09
N SER A 75 14.16 37.03 15.79
CA SER A 75 13.52 38.34 15.66
C SER A 75 13.29 38.73 14.19
N SER A 83 0.52 33.06 16.41
CA SER A 83 1.87 32.61 16.11
C SER A 83 2.32 31.49 17.04
N GLN A 84 1.35 30.87 17.72
CA GLN A 84 1.62 29.78 18.65
C GLN A 84 0.75 28.58 18.31
N GLU A 85 0.80 28.16 17.04
CA GLU A 85 0.06 27.00 16.57
C GLU A 85 0.72 25.73 17.10
N VAL A 86 0.29 24.59 16.59
CA VAL A 86 0.88 23.31 16.93
C VAL A 86 2.08 23.05 16.02
N ARG A 87 3.08 22.35 16.55
CA ARG A 87 4.31 22.10 15.82
C ARG A 87 4.81 20.69 16.13
N LYS A 88 5.70 20.20 15.26
CA LYS A 88 6.46 19.01 15.56
C LYS A 88 7.56 19.34 16.56
N TYR A 89 8.23 18.32 17.07
CA TYR A 89 9.22 18.53 18.11
C TYR A 89 10.12 17.31 18.23
N PHE A 90 11.33 17.54 18.73
CA PHE A 90 12.28 16.50 19.06
C PHE A 90 12.37 16.37 20.59
N CYS A 91 12.65 15.16 21.06
CA CYS A 91 12.98 14.92 22.46
C CYS A 91 14.41 14.39 22.56
N THR A 92 15.13 14.85 23.58
CA THR A 92 16.52 14.47 23.77
C THR A 92 16.79 14.27 25.25
N GLY A 93 17.91 13.62 25.56
CA GLY A 93 18.37 13.52 26.92
C GLY A 93 17.69 12.46 27.77
N SER A 94 17.33 11.33 27.17
CA SER A 94 16.73 10.22 27.90
C SER A 94 17.68 9.67 28.97
N SER B 10 30.55 9.61 12.24
CA SER B 10 31.04 10.05 10.94
C SER B 10 29.88 10.37 10.00
N CYS B 11 28.66 10.20 10.49
CA CYS B 11 27.45 10.43 9.71
C CYS B 11 26.74 11.66 10.29
N ASN B 12 26.86 12.78 9.59
CA ASN B 12 26.16 14.01 9.97
C ASN B 12 24.76 14.04 9.37
N GLY B 13 23.97 13.04 9.76
CA GLY B 13 22.61 12.89 9.27
C GLY B 13 21.91 11.72 9.91
N LEU B 14 21.15 10.97 9.12
CA LEU B 14 20.39 9.82 9.62
C LEU B 14 21.17 8.54 9.33
N TYR B 15 21.44 7.78 10.38
CA TYR B 15 22.12 6.50 10.27
C TYR B 15 21.08 5.40 10.42
N TYR B 16 21.02 4.51 9.43
CA TYR B 16 20.11 3.37 9.43
C TYR B 16 20.81 2.19 8.80
N GLN B 17 20.96 1.10 9.55
CA GLN B 17 21.65 -0.10 9.09
C GLN B 17 23.07 0.23 8.66
N GLY B 18 23.31 0.30 7.35
CA GLY B 18 24.61 0.65 6.84
C GLY B 18 24.63 1.92 6.00
N SER B 19 23.49 2.60 5.91
CA SER B 19 23.35 3.76 5.04
C SER B 19 23.26 5.05 5.86
N CYS B 20 23.96 6.07 5.39
CA CYS B 20 23.93 7.41 5.98
C CYS B 20 23.20 8.35 5.03
N TYR B 21 22.20 9.05 5.55
CA TYR B 21 21.36 9.95 4.76
C TYR B 21 21.68 11.39 5.13
N ILE B 22 22.04 12.19 4.13
CA ILE B 22 22.44 13.58 4.32
C ILE B 22 21.32 14.46 3.76
N LEU B 23 20.81 15.35 4.59
CA LEU B 23 19.72 16.24 4.19
C LEU B 23 20.26 17.42 3.38
N HIS B 24 19.61 17.71 2.26
CA HIS B 24 19.85 18.91 1.48
C HIS B 24 18.58 19.75 1.57
N SER B 25 18.61 20.78 2.43
CA SER B 25 17.42 21.60 2.70
CA SER B 25 17.42 21.59 2.69
C SER B 25 17.07 22.52 1.54
N ASP B 26 17.97 22.70 0.59
CA ASP B 26 17.68 23.45 -0.63
C ASP B 26 16.61 22.74 -1.46
N TYR B 27 15.59 23.49 -1.87
CA TYR B 27 14.55 22.97 -2.74
C TYR B 27 15.04 22.91 -4.19
N LYS B 28 14.96 21.73 -4.82
CA LYS B 28 15.31 21.57 -6.22
C LYS B 28 14.36 20.58 -6.90
N SER B 29 14.31 20.69 -8.23
CA SER B 29 13.60 19.72 -9.03
C SER B 29 14.26 18.35 -8.90
N PHE B 30 13.52 17.32 -9.31
CA PHE B 30 14.05 15.96 -9.21
C PHE B 30 15.34 15.81 -10.01
N GLU B 31 15.39 16.37 -11.22
CA GLU B 31 16.57 16.25 -12.06
C GLU B 31 17.79 16.89 -11.38
N ASP B 32 17.61 18.08 -10.78
CA ASP B 32 18.74 18.74 -10.13
C ASP B 32 19.14 18.03 -8.85
N ALA B 33 18.17 17.51 -8.09
CA ALA B 33 18.48 16.78 -6.87
C ALA B 33 19.26 15.51 -7.17
N LYS B 34 18.81 14.76 -8.19
CA LYS B 34 19.48 13.51 -8.54
C LYS B 34 20.89 13.76 -9.07
N ALA B 35 21.06 14.82 -9.86
CA ALA B 35 22.40 15.17 -10.34
C ALA B 35 23.29 15.61 -9.18
N ASN B 36 22.71 16.33 -8.22
CA ASN B 36 23.50 16.79 -7.07
C ASN B 36 24.00 15.63 -6.24
N CYS B 37 23.17 14.60 -6.03
CA CYS B 37 23.65 13.42 -5.31
C CYS B 37 24.74 12.71 -6.10
N ALA B 38 24.59 12.63 -7.42
CA ALA B 38 25.61 11.97 -8.24
C ALA B 38 26.93 12.71 -8.18
N ALA B 39 26.89 14.04 -8.07
CA ALA B 39 28.10 14.83 -7.93
C ALA B 39 28.82 14.56 -6.61
N GLU B 40 28.15 13.87 -5.68
CA GLU B 40 28.73 13.46 -4.41
C GLU B 40 28.83 11.93 -4.32
N SER B 41 28.84 11.24 -5.46
CA SER B 41 28.89 9.78 -5.52
C SER B 41 27.80 9.16 -4.66
N SER B 42 26.60 9.73 -4.76
CA SER B 42 25.47 9.31 -3.94
C SER B 42 24.22 9.23 -4.80
N THR B 43 23.17 8.66 -4.22
CA THR B 43 21.88 8.52 -4.90
C THR B 43 20.77 8.97 -3.95
N LEU B 44 19.60 9.21 -4.54
CA LEU B 44 18.43 9.51 -3.75
C LEU B 44 17.92 8.25 -3.04
N PRO B 45 17.21 8.40 -1.93
CA PRO B 45 16.74 7.24 -1.18
C PRO B 45 15.78 6.39 -2.00
N ASN B 46 15.85 5.07 -1.77
CA ASN B 46 14.88 4.13 -2.31
C ASN B 46 13.69 4.04 -1.36
N LYS B 47 12.48 4.15 -1.92
CA LYS B 47 11.30 4.26 -1.06
C LYS B 47 11.05 2.97 -0.29
N SER B 48 11.28 1.80 -0.91
CA SER B 48 10.96 0.55 -0.23
C SER B 48 11.88 0.27 0.93
N ASP B 49 13.05 0.91 1.00
CA ASP B 49 13.99 0.68 2.09
C ASP B 49 13.78 1.62 3.27
N VAL B 50 12.87 2.59 3.15
CA VAL B 50 12.66 3.59 4.18
C VAL B 50 11.18 3.68 4.54
N LEU B 51 10.32 3.05 3.72
CA LEU B 51 8.88 3.25 3.86
C LEU B 51 8.38 2.71 5.20
N THR B 52 8.89 1.56 5.63
CA THR B 52 8.41 0.88 6.83
C THR B 52 9.27 1.16 8.06
N THR B 53 10.20 2.10 7.97
CA THR B 53 11.13 2.40 9.05
C THR B 53 10.79 3.75 9.67
N TRP B 54 11.52 4.11 10.73
CA TRP B 54 11.37 5.42 11.35
C TRP B 54 11.91 6.54 10.47
N LEU B 55 12.61 6.21 9.38
CA LEU B 55 13.12 7.21 8.47
C LEU B 55 12.02 7.98 7.74
N ILE B 56 10.81 7.42 7.66
CA ILE B 56 9.75 8.02 6.85
C ILE B 56 9.37 9.40 7.36
N ASP B 57 9.48 9.62 8.68
CA ASP B 57 9.12 10.92 9.22
C ASP B 57 10.06 12.01 8.74
N TYR B 58 11.31 11.65 8.41
CA TYR B 58 12.26 12.60 7.86
C TYR B 58 12.18 12.70 6.34
N VAL B 59 12.09 11.56 5.65
CA VAL B 59 12.17 11.54 4.18
C VAL B 59 10.83 11.83 3.53
N GLU B 60 9.78 12.04 4.31
CA GLU B 60 8.48 12.40 3.77
C GLU B 60 8.57 13.67 2.94
N ASP B 61 7.93 13.63 1.76
CA ASP B 61 7.83 14.74 0.82
C ASP B 61 9.15 15.10 0.15
N THR B 62 10.20 14.31 0.36
CA THR B 62 11.46 14.53 -0.35
C THR B 62 11.57 13.55 -1.53
N TRP B 63 12.55 13.81 -2.39
CA TRP B 63 12.65 13.08 -3.65
C TRP B 63 13.08 11.63 -3.43
N GLY B 64 12.35 10.70 -4.05
CA GLY B 64 12.79 9.34 -4.14
C GLY B 64 13.54 9.07 -5.43
N SER B 65 14.26 7.94 -5.48
CA SER B 65 15.09 7.62 -6.63
C SER B 65 14.28 7.40 -7.90
N ASP B 66 13.01 7.01 -7.77
CA ASP B 66 12.17 6.70 -8.92
C ASP B 66 11.56 7.93 -9.58
N GLY B 67 11.87 9.13 -9.10
CA GLY B 67 11.30 10.33 -9.67
C GLY B 67 10.06 10.84 -8.98
N ASN B 68 9.56 10.15 -7.96
CA ASN B 68 8.39 10.56 -7.21
C ASN B 68 8.77 10.91 -5.78
N PRO B 69 8.01 11.79 -5.12
CA PRO B 69 8.24 12.01 -3.70
C PRO B 69 7.88 10.77 -2.90
N ILE B 70 8.61 10.55 -1.81
CA ILE B 70 8.30 9.46 -0.90
C ILE B 70 7.15 9.91 0.00
N THR B 71 6.02 9.22 -0.08
CA THR B 71 4.84 9.55 0.69
C THR B 71 4.40 8.35 1.52
N LYS B 72 3.96 8.61 2.75
CA LYS B 72 3.47 7.53 3.61
C LYS B 72 2.06 7.06 3.19
N THR B 73 1.07 7.94 3.32
CA THR B 73 -0.29 7.68 2.87
C THR B 73 -0.54 8.28 1.49
N THR B 74 -1.18 7.50 0.62
CA THR B 74 -1.43 7.95 -0.74
C THR B 74 -2.74 8.72 -0.84
N SER B 80 0.37 14.90 -9.65
CA SER B 80 0.68 16.26 -10.05
C SER B 80 1.62 16.26 -11.26
N ASP B 81 2.57 17.20 -11.26
CA ASP B 81 3.60 17.30 -12.29
C ASP B 81 4.96 17.26 -11.59
N VAL B 82 5.45 16.04 -11.36
CA VAL B 82 6.68 15.84 -10.61
C VAL B 82 7.88 16.26 -11.44
N SER B 83 7.64 16.70 -12.68
CA SER B 83 8.73 17.05 -13.58
C SER B 83 9.30 18.43 -13.26
N GLN B 84 8.47 19.39 -12.83
CA GLN B 84 8.99 20.71 -12.48
C GLN B 84 8.72 21.12 -11.05
N GLU B 85 8.15 20.26 -10.22
CA GLU B 85 7.97 20.66 -8.83
C GLU B 85 9.33 20.60 -8.13
N VAL B 86 9.44 21.33 -7.03
CA VAL B 86 10.70 21.57 -6.32
CA VAL B 86 10.72 21.48 -6.34
C VAL B 86 10.55 21.03 -4.90
N ARG B 87 11.53 20.25 -4.44
CA ARG B 87 11.47 19.61 -3.13
C ARG B 87 12.86 19.47 -2.54
N LYS B 88 12.90 19.24 -1.23
CA LYS B 88 14.13 18.84 -0.55
C LYS B 88 14.42 17.37 -0.83
N TYR B 89 15.62 16.93 -0.43
CA TYR B 89 16.04 15.57 -0.76
C TYR B 89 17.20 15.16 0.13
N PHE B 90 17.33 13.85 0.30
CA PHE B 90 18.47 13.22 0.96
C PHE B 90 19.35 12.53 -0.08
N CYS B 91 20.65 12.48 0.21
CA CYS B 91 21.59 11.67 -0.55
C CYS B 91 22.19 10.61 0.36
N THR B 92 22.38 9.41 -0.16
CA THR B 92 22.91 8.31 0.63
C THR B 92 23.86 7.48 -0.22
N GLY B 93 24.64 6.64 0.44
CA GLY B 93 25.56 5.74 -0.23
C GLY B 93 26.83 6.43 -0.72
N GLN C 1 -14.64 18.79 -8.75
CA GLN C 1 -14.33 20.12 -9.24
C GLN C 1 -13.71 20.99 -8.14
N VAL C 2 -12.45 21.39 -8.37
CA VAL C 2 -11.73 22.22 -7.43
C VAL C 2 -12.25 23.65 -7.53
N GLN C 3 -12.71 24.20 -6.41
CA GLN C 3 -13.29 25.54 -6.38
C GLN C 3 -12.59 26.38 -5.32
N LEU C 4 -12.28 27.62 -5.68
CA LEU C 4 -11.70 28.60 -4.77
C LEU C 4 -12.51 29.90 -4.91
N VAL C 5 -13.22 30.28 -3.85
CA VAL C 5 -14.08 31.45 -3.85
C VAL C 5 -13.52 32.47 -2.87
N GLU C 6 -13.29 33.68 -3.34
CA GLU C 6 -12.67 34.73 -2.55
C GLU C 6 -13.70 35.76 -2.13
N SER C 7 -13.36 36.50 -1.08
CA SER C 7 -14.21 37.57 -0.57
C SER C 7 -13.37 38.51 0.29
N GLY C 8 -13.97 39.63 0.67
CA GLY C 8 -13.33 40.59 1.55
C GLY C 8 -12.74 41.81 0.87
N GLY C 9 -12.76 41.87 -0.46
CA GLY C 9 -12.24 43.03 -1.15
C GLY C 9 -13.16 44.23 -1.02
N GLY C 10 -12.60 45.40 -1.29
CA GLY C 10 -13.37 46.62 -1.27
C GLY C 10 -12.47 47.84 -1.29
N VAL C 11 -13.09 49.00 -1.11
CA VAL C 11 -12.38 50.27 -1.05
C VAL C 11 -12.03 50.56 0.40
N VAL C 12 -10.78 50.98 0.64
CA VAL C 12 -10.30 51.26 1.99
C VAL C 12 -9.31 52.42 1.90
N GLN C 13 -9.28 53.25 2.93
CA GLN C 13 -8.40 54.40 2.94
C GLN C 13 -6.96 53.97 3.22
N PRO C 14 -5.98 54.76 2.77
CA PRO C 14 -4.58 54.44 3.06
C PRO C 14 -4.31 54.39 4.55
N GLY C 15 -3.46 53.44 4.95
CA GLY C 15 -3.12 53.23 6.34
C GLY C 15 -4.03 52.29 7.10
N ARG C 16 -5.19 51.95 6.54
CA ARG C 16 -6.13 51.07 7.23
C ARG C 16 -5.89 49.62 6.83
N SER C 17 -6.79 48.73 7.26
CA SER C 17 -6.58 47.30 7.13
C SER C 17 -7.74 46.66 6.38
N LEU C 18 -7.44 45.53 5.75
CA LEU C 18 -8.42 44.73 5.04
C LEU C 18 -8.03 43.28 5.17
N ARG C 19 -9.03 42.40 5.19
CA ARG C 19 -8.82 40.97 5.37
C ARG C 19 -9.51 40.23 4.23
N LEU C 20 -8.72 39.49 3.46
CA LEU C 20 -9.24 38.68 2.37
C LEU C 20 -9.41 37.24 2.82
N SER C 21 -10.40 36.56 2.24
CA SER C 21 -10.68 35.16 2.53
C SER C 21 -10.79 34.38 1.23
N CYS C 22 -10.51 33.09 1.31
CA CYS C 22 -10.52 32.19 0.16
C CYS C 22 -11.04 30.84 0.64
N ALA C 23 -12.28 30.51 0.28
CA ALA C 23 -12.90 29.25 0.67
C ALA C 23 -12.61 28.20 -0.38
N ALA C 24 -12.09 27.05 0.06
CA ALA C 24 -11.67 25.98 -0.83
C ALA C 24 -12.60 24.79 -0.69
N SER C 25 -12.84 24.10 -1.82
CA SER C 25 -13.66 22.91 -1.84
C SER C 25 -13.25 22.04 -3.01
N GLY C 26 -13.47 20.74 -2.88
CA GLY C 26 -13.20 19.80 -3.95
C GLY C 26 -11.84 19.14 -3.92
N PHE C 27 -11.06 19.36 -2.87
CA PHE C 27 -9.74 18.74 -2.76
C PHE C 27 -9.33 18.72 -1.29
N THR C 28 -8.29 17.95 -1.00
CA THR C 28 -7.73 17.88 0.35
C THR C 28 -6.97 19.17 0.61
N PHE C 29 -7.62 20.12 1.29
CA PHE C 29 -7.05 21.44 1.48
C PHE C 29 -5.74 21.39 2.26
N SER C 30 -5.67 20.53 3.29
CA SER C 30 -4.52 20.51 4.19
C SER C 30 -3.26 19.94 3.54
N ARG C 31 -3.35 19.39 2.33
CA ARG C 31 -2.18 18.79 1.69
C ARG C 31 -1.51 19.70 0.66
N HIS C 32 -2.01 20.93 0.48
CA HIS C 32 -1.50 21.80 -0.57
C HIS C 32 -1.13 23.16 -0.01
N GLY C 33 0.06 23.63 -0.36
CA GLY C 33 0.41 25.01 -0.10
C GLY C 33 -0.47 25.95 -0.91
N MET C 34 -0.68 27.15 -0.37
CA MET C 34 -1.57 28.13 -0.99
C MET C 34 -0.83 29.44 -1.17
N HIS C 35 -1.21 30.17 -2.22
CA HIS C 35 -0.54 31.40 -2.59
C HIS C 35 -1.57 32.52 -2.77
N TRP C 36 -1.10 33.75 -2.62
CA TRP C 36 -1.82 34.94 -3.05
C TRP C 36 -1.00 35.63 -4.14
N VAL C 37 -1.68 36.03 -5.21
CA VAL C 37 -1.08 36.74 -6.33
C VAL C 37 -1.96 37.94 -6.62
N ARG C 38 -1.34 39.06 -6.97
CA ARG C 38 -2.11 40.27 -7.25
C ARG C 38 -1.72 40.84 -8.62
N GLN C 39 -2.63 41.62 -9.18
CA GLN C 39 -2.45 42.21 -10.50
C GLN C 39 -2.99 43.63 -10.45
N ALA C 40 -2.09 44.61 -10.49
CA ALA C 40 -2.52 46.00 -10.53
C ALA C 40 -3.22 46.27 -11.86
N PRO C 41 -4.13 47.24 -11.89
CA PRO C 41 -4.84 47.56 -13.14
C PRO C 41 -3.85 47.87 -14.27
N GLY C 42 -3.96 47.12 -15.36
CA GLY C 42 -3.11 47.32 -16.52
C GLY C 42 -1.69 46.79 -16.38
N LYS C 43 -1.41 45.98 -15.37
CA LYS C 43 -0.06 45.47 -15.12
C LYS C 43 -0.09 43.94 -15.12
N GLY C 44 1.08 43.34 -14.88
CA GLY C 44 1.21 41.90 -14.89
C GLY C 44 0.95 41.27 -13.54
N LEU C 45 1.09 39.94 -13.50
CA LEU C 45 0.92 39.19 -12.28
C LEU C 45 2.12 39.37 -11.36
N GLU C 46 1.85 39.52 -10.06
CA GLU C 46 2.90 39.65 -9.06
C GLU C 46 2.62 38.70 -7.91
N TRP C 47 3.55 37.78 -7.65
CA TRP C 47 3.43 36.88 -6.52
C TRP C 47 3.57 37.65 -5.21
N VAL C 48 2.71 37.36 -4.25
CA VAL C 48 2.65 38.07 -2.98
C VAL C 48 3.19 37.22 -1.83
N THR C 49 2.65 36.04 -1.63
CA THR C 49 2.95 35.27 -0.43
C THR C 49 2.55 33.81 -0.62
N VAL C 50 3.16 32.95 0.19
CA VAL C 50 2.84 31.52 0.22
C VAL C 50 2.78 31.06 1.68
N ILE C 51 1.86 30.15 1.97
CA ILE C 51 1.82 29.44 3.24
C ILE C 51 1.86 27.94 2.95
N SER C 52 2.67 27.22 3.72
CA SER C 52 2.83 25.80 3.50
C SER C 52 1.54 25.06 3.84
N TYR C 53 1.49 23.79 3.40
CA TYR C 53 0.29 22.97 3.58
C TYR C 53 -0.14 22.90 5.04
N ASP C 54 0.83 22.80 5.96
CA ASP C 54 0.53 22.67 7.38
C ASP C 54 0.54 24.00 8.12
N GLY C 55 0.72 25.11 7.41
CA GLY C 55 0.71 26.42 8.04
C GLY C 55 1.95 26.80 8.80
N ILE C 56 3.03 26.03 8.70
CA ILE C 56 4.23 26.31 9.48
C ILE C 56 5.08 27.37 8.80
N LYS C 57 5.31 27.22 7.50
CA LYS C 57 6.19 28.11 6.76
C LYS C 57 5.38 29.15 5.99
N LYS C 58 5.80 30.41 6.09
CA LYS C 58 5.19 31.51 5.37
C LYS C 58 6.30 32.36 4.76
N TYR C 59 6.13 32.74 3.50
CA TYR C 59 7.11 33.58 2.81
C TYR C 59 6.39 34.71 2.09
N TYR C 60 7.06 35.85 1.97
CA TYR C 60 6.46 37.06 1.44
C TYR C 60 7.40 37.73 0.46
N THR C 61 6.83 38.40 -0.53
CA THR C 61 7.62 39.32 -1.33
C THR C 61 8.00 40.54 -0.49
N ASP C 62 9.09 41.19 -0.89
CA ASP C 62 9.68 42.23 -0.04
C ASP C 62 8.72 43.37 0.23
N SER C 63 7.97 43.80 -0.80
CA SER C 63 7.15 45.01 -0.68
C SER C 63 6.03 44.89 0.34
N VAL C 64 5.70 43.68 0.80
CA VAL C 64 4.62 43.48 1.76
C VAL C 64 5.10 42.92 3.08
N LYS C 65 6.41 42.72 3.25
CA LYS C 65 6.93 42.16 4.49
C LYS C 65 6.69 43.13 5.64
N GLY C 66 6.15 42.62 6.74
CA GLY C 66 5.80 43.43 7.89
C GLY C 66 4.41 44.01 7.85
N ARG C 67 3.79 44.08 6.67
CA ARG C 67 2.46 44.63 6.52
C ARG C 67 1.39 43.58 6.29
N PHE C 68 1.69 42.53 5.52
CA PHE C 68 0.74 41.47 5.22
C PHE C 68 1.06 40.22 6.02
N THR C 69 0.02 39.49 6.40
CA THR C 69 0.16 38.23 7.12
C THR C 69 -0.77 37.20 6.50
N ILE C 70 -0.19 36.10 6.02
CA ILE C 70 -0.97 35.00 5.45
C ILE C 70 -1.24 33.99 6.55
N SER C 71 -2.40 33.35 6.48
CA SER C 71 -2.79 32.34 7.47
C SER C 71 -3.81 31.42 6.82
N ARG C 72 -4.02 30.28 7.46
CA ARG C 72 -4.96 29.30 6.94
C ARG C 72 -5.62 28.58 8.11
N ASP C 73 -6.81 28.06 7.85
CA ASP C 73 -7.58 27.30 8.83
C ASP C 73 -7.97 25.99 8.13
N ASN C 74 -7.25 24.91 8.44
CA ASN C 74 -7.46 23.66 7.72
C ASN C 74 -8.76 22.97 8.08
N SER C 75 -9.36 23.28 9.23
CA SER C 75 -10.63 22.67 9.57
C SER C 75 -11.80 23.34 8.88
N LYS C 76 -11.66 24.62 8.52
CA LYS C 76 -12.66 25.36 7.77
C LYS C 76 -12.36 25.45 6.28
N ASN C 77 -11.22 24.92 5.84
CA ASN C 77 -10.79 24.98 4.44
C ASN C 77 -10.80 26.40 3.90
N THR C 78 -10.23 27.32 4.68
CA THR C 78 -10.21 28.73 4.30
C THR C 78 -8.80 29.28 4.41
N LEU C 79 -8.44 30.13 3.46
CA LEU C 79 -7.17 30.83 3.41
C LEU C 79 -7.42 32.31 3.68
N TYR C 80 -6.50 32.97 4.36
CA TYR C 80 -6.66 34.36 4.75
C TYR C 80 -5.44 35.17 4.34
N LEU C 81 -5.68 36.45 4.07
CA LEU C 81 -4.62 37.43 3.86
C LEU C 81 -5.00 38.68 4.65
N GLN C 82 -4.33 38.89 5.78
CA GLN C 82 -4.53 40.08 6.59
C GLN C 82 -3.58 41.16 6.10
N MET C 83 -4.14 42.27 5.62
CA MET C 83 -3.37 43.35 5.02
C MET C 83 -3.48 44.58 5.92
N ASN C 84 -2.32 45.09 6.36
CA ASN C 84 -2.26 46.27 7.21
C ASN C 84 -1.40 47.33 6.54
N SER C 85 -1.57 48.58 6.98
CA SER C 85 -0.80 49.71 6.48
C SER C 85 -0.90 49.80 4.95
N LEU C 86 -2.11 49.65 4.44
CA LEU C 86 -2.32 49.60 3.00
C LEU C 86 -1.91 50.92 2.34
N ARG C 87 -1.22 50.79 1.21
CA ARG C 87 -0.75 51.90 0.40
C ARG C 87 -1.50 51.94 -0.92
N PRO C 88 -1.51 53.09 -1.61
CA PRO C 88 -2.17 53.13 -2.93
C PRO C 88 -1.63 52.11 -3.91
N ASP C 89 -0.34 51.77 -3.85
CA ASP C 89 0.21 50.78 -4.76
C ASP C 89 -0.23 49.36 -4.45
N ASP C 90 -0.97 49.15 -3.35
CA ASP C 90 -1.58 47.85 -3.10
C ASP C 90 -2.88 47.66 -3.84
N THR C 91 -3.33 48.66 -4.60
CA THR C 91 -4.54 48.54 -5.39
C THR C 91 -4.34 47.49 -6.48
N ALA C 92 -5.15 46.45 -6.46
CA ALA C 92 -4.99 45.35 -7.40
C ALA C 92 -6.14 44.38 -7.24
N VAL C 93 -6.27 43.48 -8.22
CA VAL C 93 -7.09 42.29 -8.07
C VAL C 93 -6.24 41.22 -7.41
N TYR C 94 -6.73 40.63 -6.32
CA TYR C 94 -6.01 39.62 -5.57
C TYR C 94 -6.63 38.26 -5.85
N TYR C 95 -5.79 37.28 -6.18
CA TYR C 95 -6.19 35.90 -6.41
C TYR C 95 -5.55 35.01 -5.36
N CYS C 96 -6.30 34.02 -4.90
CA CYS C 96 -5.69 32.89 -4.22
C CYS C 96 -5.47 31.77 -5.23
N ALA C 97 -4.44 30.96 -4.99
CA ALA C 97 -4.09 29.89 -5.90
C ALA C 97 -3.58 28.70 -5.12
N ARG C 98 -3.80 27.52 -5.68
CA ARG C 98 -3.41 26.26 -5.07
C ARG C 98 -2.22 25.68 -5.82
N GLN C 99 -1.17 25.33 -5.08
CA GLN C 99 -0.11 24.49 -5.62
C GLN C 99 -0.66 23.10 -5.91
N ASP C 100 -0.27 22.52 -7.04
CA ASP C 100 -0.73 21.16 -7.33
C ASP C 100 0.12 20.08 -6.66
N CYS C 101 1.36 20.38 -6.29
CA CYS C 101 2.18 19.40 -5.57
C CYS C 101 1.69 19.27 -4.13
N GLY C 102 1.86 18.08 -3.58
CA GLY C 102 1.40 17.79 -2.22
C GLY C 102 2.51 17.89 -1.20
N GLY C 103 2.16 18.37 -0.01
CA GLY C 103 3.12 18.43 1.08
C GLY C 103 4.11 19.57 0.95
N ASP C 104 5.31 19.34 1.49
CA ASP C 104 6.37 20.34 1.53
C ASP C 104 7.03 20.42 0.16
N CYS C 105 6.68 21.45 -0.61
CA CYS C 105 7.15 21.62 -1.98
C CYS C 105 6.75 23.01 -2.46
N PHE C 106 7.27 23.37 -3.63
CA PHE C 106 6.79 24.52 -4.39
C PHE C 106 6.55 24.07 -5.81
N SER C 107 5.47 24.54 -6.42
CA SER C 107 5.15 24.12 -7.78
C SER C 107 4.18 25.12 -8.39
N ARG C 108 3.75 24.82 -9.62
CA ARG C 108 2.84 25.64 -10.39
C ARG C 108 1.47 25.69 -9.72
N PHE C 109 0.68 26.70 -10.10
CA PHE C 109 -0.65 26.94 -9.56
C PHE C 109 -1.68 26.43 -10.56
N ASP C 110 -2.37 25.33 -10.22
CA ASP C 110 -3.32 24.73 -11.13
C ASP C 110 -4.77 25.17 -10.89
N SER C 111 -5.07 25.79 -9.75
CA SER C 111 -6.40 26.28 -9.46
C SER C 111 -6.32 27.71 -8.96
N TRP C 112 -7.14 28.59 -9.54
CA TRP C 112 -7.17 30.00 -9.18
C TRP C 112 -8.57 30.40 -8.74
N GLY C 113 -8.63 31.31 -7.77
CA GLY C 113 -9.90 31.91 -7.43
C GLY C 113 -10.35 32.92 -8.47
N GLN C 114 -11.58 33.38 -8.33
CA GLN C 114 -12.12 34.34 -9.28
C GLN C 114 -11.55 35.74 -9.10
N GLY C 115 -10.84 35.98 -8.01
CA GLY C 115 -10.26 37.29 -7.75
C GLY C 115 -11.20 38.21 -7.00
N THR C 116 -10.60 39.09 -6.20
CA THR C 116 -11.35 40.10 -5.47
C THR C 116 -10.60 41.41 -5.53
N LEU C 117 -11.32 42.50 -5.80
CA LEU C 117 -10.72 43.79 -6.05
C LEU C 117 -10.46 44.52 -4.73
N VAL C 118 -9.26 45.08 -4.61
CA VAL C 118 -8.86 45.89 -3.45
C VAL C 118 -8.43 47.25 -3.98
N THR C 119 -9.12 48.30 -3.54
CA THR C 119 -8.82 49.66 -3.95
C THR C 119 -8.44 50.48 -2.73
N VAL C 120 -7.22 51.00 -2.72
CA VAL C 120 -6.71 51.80 -1.62
C VAL C 120 -6.69 53.25 -2.07
N SER C 121 -7.57 54.07 -1.51
CA SER C 121 -7.69 55.45 -1.93
C SER C 121 -8.36 56.27 -0.84
N SER C 122 -7.96 57.53 -0.73
CA SER C 122 -8.59 58.49 0.16
C SER C 122 -9.78 59.20 -0.48
N ALA C 123 -10.06 58.93 -1.75
CA ALA C 123 -11.16 59.60 -2.43
C ALA C 123 -12.51 59.10 -1.94
N SER C 124 -13.50 59.97 -1.98
CA SER C 124 -14.86 59.60 -1.60
C SER C 124 -15.71 59.33 -2.84
N THR C 125 -16.77 58.56 -2.64
CA THR C 125 -17.65 58.20 -3.75
C THR C 125 -18.26 59.45 -4.36
N LYS C 126 -18.17 59.55 -5.69
CA LYS C 126 -18.63 60.73 -6.41
C LYS C 126 -19.07 60.31 -7.81
N GLY C 127 -20.24 60.77 -8.23
CA GLY C 127 -20.72 60.53 -9.57
C GLY C 127 -19.99 61.40 -10.58
N PRO C 128 -19.98 60.96 -11.84
CA PRO C 128 -19.20 61.67 -12.86
C PRO C 128 -19.90 62.90 -13.42
N SER C 129 -19.08 63.84 -13.87
CA SER C 129 -19.53 64.91 -14.76
C SER C 129 -19.30 64.44 -16.20
N VAL C 130 -20.31 64.63 -17.05
CA VAL C 130 -20.25 64.18 -18.43
C VAL C 130 -20.25 65.40 -19.34
N PHE C 131 -19.20 65.55 -20.13
CA PHE C 131 -19.07 66.65 -21.07
C PHE C 131 -19.14 66.12 -22.51
N PRO C 132 -19.65 66.92 -23.44
CA PRO C 132 -19.77 66.45 -24.82
C PRO C 132 -18.46 66.55 -25.59
N LEU C 133 -18.29 65.61 -26.50
CA LEU C 133 -17.26 65.65 -27.54
C LEU C 133 -17.99 65.91 -28.86
N ALA C 134 -18.23 67.19 -29.15
CA ALA C 134 -19.15 67.57 -30.22
C ALA C 134 -18.49 67.38 -31.59
N PRO C 135 -19.22 66.80 -32.54
CA PRO C 135 -18.69 66.70 -33.92
C PRO C 135 -18.67 68.07 -34.59
N SER C 136 -17.75 68.22 -35.55
CA SER C 136 -17.55 69.49 -36.23
C SER C 136 -18.70 69.79 -37.17
N GLY C 142 -20.24 63.48 -47.51
CA GLY C 142 -20.24 62.03 -47.38
C GLY C 142 -19.19 61.52 -46.43
N GLY C 143 -18.70 62.38 -45.55
CA GLY C 143 -17.69 61.98 -44.60
C GLY C 143 -18.30 61.27 -43.41
N THR C 144 -17.41 60.68 -42.60
CA THR C 144 -17.80 60.09 -41.33
C THR C 144 -17.43 61.06 -40.22
N ALA C 145 -18.37 61.29 -39.30
CA ALA C 145 -18.17 62.19 -38.19
C ALA C 145 -17.95 61.40 -36.90
N ALA C 146 -17.18 61.98 -36.00
CA ALA C 146 -16.90 61.39 -34.70
C ALA C 146 -17.45 62.27 -33.60
N LEU C 147 -18.07 61.64 -32.60
CA LEU C 147 -18.60 62.34 -31.45
C LEU C 147 -18.48 61.41 -30.26
N GLY C 148 -18.65 61.97 -29.06
CA GLY C 148 -18.53 61.14 -27.88
C GLY C 148 -18.86 61.90 -26.62
N CYS C 149 -18.57 61.25 -25.49
CA CYS C 149 -18.77 61.81 -24.17
C CYS C 149 -17.51 61.61 -23.34
N LEU C 150 -17.11 62.66 -22.62
CA LEU C 150 -16.01 62.60 -21.68
C LEU C 150 -16.59 62.43 -20.28
N VAL C 151 -16.39 61.26 -19.69
CA VAL C 151 -16.90 60.91 -18.37
C VAL C 151 -15.77 61.17 -17.38
N LYS C 152 -15.85 62.27 -16.65
CA LYS C 152 -14.71 62.79 -15.89
C LYS C 152 -15.01 62.85 -14.40
N ASP C 153 -13.98 62.54 -13.60
CA ASP C 153 -13.97 62.79 -12.15
C ASP C 153 -15.06 62.00 -11.42
N TYR C 154 -14.95 60.68 -11.48
CA TYR C 154 -15.83 59.80 -10.71
C TYR C 154 -14.99 58.83 -9.89
N PHE C 155 -15.60 58.31 -8.83
CA PHE C 155 -14.94 57.33 -7.97
C PHE C 155 -16.02 56.55 -7.23
N PRO C 156 -15.85 55.23 -7.06
CA PRO C 156 -14.81 54.38 -7.62
C PRO C 156 -15.22 53.80 -8.97
N GLU C 157 -14.43 52.86 -9.50
CA GLU C 157 -14.86 52.09 -10.65
C GLU C 157 -16.01 51.17 -10.23
N PRO C 158 -16.84 50.72 -11.18
CA PRO C 158 -16.81 50.98 -12.63
C PRO C 158 -17.89 51.93 -13.11
N VAL C 159 -17.79 52.33 -14.38
CA VAL C 159 -18.81 53.09 -15.08
C VAL C 159 -19.17 52.33 -16.35
N THR C 160 -20.46 52.21 -16.63
CA THR C 160 -20.95 51.64 -17.87
C THR C 160 -21.46 52.75 -18.78
N VAL C 161 -21.14 52.65 -20.07
CA VAL C 161 -21.58 53.63 -21.05
C VAL C 161 -22.31 52.89 -22.17
N SER C 162 -23.48 53.39 -22.53
CA SER C 162 -24.19 52.95 -23.72
C SER C 162 -24.62 54.18 -24.49
N TRP C 163 -25.10 53.96 -25.71
CA TRP C 163 -25.56 55.04 -26.57
C TRP C 163 -26.99 54.76 -27.00
N ASN C 164 -27.87 55.74 -26.83
CA ASN C 164 -29.28 55.63 -27.17
C ASN C 164 -29.91 54.39 -26.51
N SER C 165 -29.63 54.24 -25.21
CA SER C 165 -30.16 53.15 -24.39
C SER C 165 -29.80 51.78 -24.96
N GLY C 166 -28.60 51.68 -25.53
CA GLY C 166 -28.14 50.43 -26.09
C GLY C 166 -28.57 50.17 -27.52
N ALA C 167 -29.30 51.10 -28.14
CA ALA C 167 -29.73 50.93 -29.52
C ALA C 167 -28.58 51.15 -30.50
N LEU C 168 -27.59 51.94 -30.12
CA LEU C 168 -26.44 52.24 -30.97
C LEU C 168 -25.22 51.48 -30.44
N THR C 169 -24.82 50.44 -31.17
CA THR C 169 -23.66 49.63 -30.79
C THR C 169 -22.58 49.60 -31.85
N SER C 170 -22.91 49.81 -33.12
CA SER C 170 -21.92 49.76 -34.19
C SER C 170 -21.06 51.02 -34.17
N GLY C 171 -19.74 50.83 -34.22
CA GLY C 171 -18.81 51.94 -34.22
C GLY C 171 -18.57 52.58 -32.87
N VAL C 172 -19.04 51.98 -31.79
CA VAL C 172 -18.87 52.53 -30.45
C VAL C 172 -17.56 52.01 -29.87
N HIS C 173 -16.75 52.93 -29.34
CA HIS C 173 -15.54 52.56 -28.60
C HIS C 173 -15.59 53.24 -27.23
N THR C 174 -15.74 52.45 -26.19
CA THR C 174 -15.67 52.95 -24.82
C THR C 174 -14.31 52.56 -24.25
N PHE C 175 -13.48 53.54 -23.99
CA PHE C 175 -12.10 53.27 -23.60
C PHE C 175 -12.02 52.91 -22.12
N PRO C 176 -11.01 52.13 -21.74
CA PRO C 176 -10.78 51.84 -20.32
C PRO C 176 -10.53 53.13 -19.54
N ALA C 177 -11.01 53.15 -18.30
CA ALA C 177 -10.80 54.31 -17.45
C ALA C 177 -9.31 54.46 -17.11
N VAL C 178 -8.90 55.70 -16.91
CA VAL C 178 -7.57 56.01 -16.40
C VAL C 178 -7.73 56.69 -15.05
N LEU C 179 -6.73 56.51 -14.19
CA LEU C 179 -6.71 57.14 -12.88
C LEU C 179 -5.96 58.47 -12.99
N GLN C 180 -6.65 59.57 -12.72
CA GLN C 180 -6.01 60.87 -12.77
C GLN C 180 -5.21 61.10 -11.49
N SER C 181 -4.31 62.09 -11.54
CA SER C 181 -3.48 62.39 -10.38
C SER C 181 -4.29 62.85 -9.18
N SER C 182 -5.50 63.38 -9.42
CA SER C 182 -6.37 63.78 -8.32
C SER C 182 -6.92 62.60 -7.53
N GLY C 183 -6.81 61.39 -8.06
CA GLY C 183 -7.41 60.21 -7.46
C GLY C 183 -8.75 59.83 -8.01
N LEU C 184 -9.31 60.63 -8.92
CA LEU C 184 -10.57 60.33 -9.57
C LEU C 184 -10.32 59.74 -10.94
N TYR C 185 -11.25 58.91 -11.40
CA TYR C 185 -11.14 58.25 -12.69
C TYR C 185 -11.76 59.09 -13.79
N SER C 186 -11.28 58.85 -15.01
CA SER C 186 -11.81 59.50 -16.20
C SER C 186 -11.87 58.48 -17.33
N LEU C 187 -12.84 58.66 -18.23
CA LEU C 187 -13.11 57.71 -19.30
C LEU C 187 -13.73 58.46 -20.46
N SER C 188 -13.48 57.97 -21.67
CA SER C 188 -14.12 58.50 -22.86
C SER C 188 -14.82 57.38 -23.62
N SER C 189 -15.95 57.74 -24.23
CA SER C 189 -16.67 56.85 -25.14
C SER C 189 -16.98 57.62 -26.40
N VAL C 190 -16.64 57.05 -27.56
CA VAL C 190 -16.82 57.72 -28.84
C VAL C 190 -17.57 56.80 -29.79
N VAL C 191 -18.14 57.40 -30.82
CA VAL C 191 -18.82 56.65 -31.87
C VAL C 191 -18.64 57.41 -33.17
N THR C 192 -18.47 56.67 -34.26
CA THR C 192 -18.42 57.25 -35.60
C THR C 192 -19.74 56.99 -36.30
N VAL C 193 -20.35 58.05 -36.82
CA VAL C 193 -21.63 57.96 -37.51
C VAL C 193 -21.50 58.69 -38.83
N PRO C 194 -22.35 58.35 -39.81
CA PRO C 194 -22.38 59.13 -41.05
C PRO C 194 -22.68 60.60 -40.76
N SER C 195 -21.97 61.48 -41.46
CA SER C 195 -22.16 62.91 -41.25
C SER C 195 -23.55 63.38 -41.68
N SER C 196 -24.17 62.69 -42.63
CA SER C 196 -25.53 63.02 -43.03
C SER C 196 -26.52 62.78 -41.91
N SER C 197 -26.21 61.87 -41.00
CA SER C 197 -27.09 61.55 -39.87
C SER C 197 -27.09 62.63 -38.79
N LEU C 198 -26.18 63.59 -38.85
CA LEU C 198 -26.05 64.57 -37.78
C LEU C 198 -27.28 65.47 -37.64
N GLY C 199 -28.00 65.72 -38.74
CA GLY C 199 -29.16 66.59 -38.66
C GLY C 199 -30.42 65.91 -38.18
N THR C 200 -30.54 64.60 -38.39
CA THR C 200 -31.75 63.85 -38.07
C THR C 200 -31.61 62.99 -36.82
N GLN C 201 -30.48 62.30 -36.65
CA GLN C 201 -30.31 61.39 -35.53
C GLN C 201 -29.90 62.15 -34.27
N THR C 202 -30.44 61.71 -33.14
CA THR C 202 -30.03 62.18 -31.82
C THR C 202 -29.11 61.15 -31.17
N TYR C 203 -28.01 61.63 -30.59
CA TYR C 203 -27.03 60.77 -29.96
C TYR C 203 -26.95 61.14 -28.49
N ILE C 204 -27.22 60.17 -27.62
CA ILE C 204 -27.22 60.36 -26.18
C ILE C 204 -26.35 59.27 -25.57
N CYS C 205 -25.38 59.68 -24.76
CA CYS C 205 -24.60 58.71 -24.00
C CYS C 205 -25.24 58.55 -22.63
N ASN C 206 -25.36 57.29 -22.20
CA ASN C 206 -25.98 56.95 -20.94
C ASN C 206 -24.90 56.39 -20.04
N VAL C 207 -24.55 57.17 -19.01
CA VAL C 207 -23.45 56.85 -18.12
C VAL C 207 -24.05 56.39 -16.81
N ASN C 208 -23.83 55.14 -16.45
CA ASN C 208 -24.36 54.57 -15.22
C ASN C 208 -23.21 54.38 -14.24
N HIS C 209 -23.36 54.92 -13.05
CA HIS C 209 -22.36 54.80 -11.99
C HIS C 209 -23.08 54.20 -10.78
N LYS C 210 -23.16 52.87 -10.75
CA LYS C 210 -23.84 52.18 -9.67
C LYS C 210 -23.26 52.48 -8.28
N PRO C 211 -21.95 52.61 -8.08
CA PRO C 211 -21.45 52.89 -6.72
C PRO C 211 -22.02 54.15 -6.09
N SER C 212 -22.38 55.16 -6.89
CA SER C 212 -22.99 56.36 -6.36
C SER C 212 -24.48 56.44 -6.67
N ASN C 213 -25.08 55.38 -7.23
CA ASN C 213 -26.49 55.37 -7.60
C ASN C 213 -26.84 56.56 -8.48
N THR C 214 -25.93 56.90 -9.40
CA THR C 214 -26.11 58.05 -10.28
C THR C 214 -26.17 57.56 -11.72
N LYS C 215 -27.07 58.15 -12.50
CA LYS C 215 -27.11 57.93 -13.94
C LYS C 215 -27.14 59.29 -14.62
N VAL C 216 -26.31 59.47 -15.64
CA VAL C 216 -26.24 60.72 -16.38
C VAL C 216 -26.51 60.42 -17.85
N ASP C 217 -27.41 61.19 -18.46
CA ASP C 217 -27.66 61.14 -19.89
C ASP C 217 -27.28 62.49 -20.48
N LYS C 218 -26.39 62.46 -21.47
CA LYS C 218 -25.90 63.67 -22.10
C LYS C 218 -26.19 63.62 -23.58
N LYS C 219 -27.01 64.55 -24.06
CA LYS C 219 -27.28 64.67 -25.48
C LYS C 219 -26.14 65.46 -26.13
N VAL C 220 -25.51 64.87 -27.13
CA VAL C 220 -24.35 65.46 -27.80
C VAL C 220 -24.83 66.09 -29.09
N GLU C 221 -24.71 67.43 -29.19
CA GLU C 221 -25.22 68.10 -30.37
C GLU C 221 -24.06 68.54 -31.26
N PRO C 222 -24.28 68.68 -32.56
CA PRO C 222 -23.24 69.26 -33.42
C PRO C 222 -23.03 70.73 -33.06
N LYS C 223 -21.81 71.20 -33.30
CA LYS C 223 -21.51 72.62 -33.07
C LYS C 223 -22.32 73.51 -34.01
N ILE D 2 18.71 40.42 -10.94
CA ILE D 2 17.52 39.66 -10.60
C ILE D 2 16.37 40.28 -11.40
N GLN D 3 16.64 40.52 -12.68
CA GLN D 3 15.68 41.08 -13.61
C GLN D 3 15.15 40.00 -14.55
N MET D 4 13.85 40.04 -14.81
CA MET D 4 13.18 39.04 -15.64
C MET D 4 12.53 39.76 -16.82
N THR D 5 12.86 39.32 -18.04
CA THR D 5 12.31 39.91 -19.26
C THR D 5 11.74 38.83 -20.15
N GLN D 6 10.64 39.15 -20.84
CA GLN D 6 10.04 38.29 -21.84
C GLN D 6 10.13 38.97 -23.20
N SER D 7 10.72 38.28 -24.18
CA SER D 7 10.94 38.82 -25.50
C SER D 7 10.19 37.99 -26.53
N PRO D 8 9.33 38.60 -27.36
CA PRO D 8 8.94 40.02 -27.40
C PRO D 8 7.87 40.36 -26.36
N SER D 9 7.73 41.63 -25.98
CA SER D 9 6.62 42.01 -25.10
C SER D 9 5.28 41.91 -25.82
N THR D 10 5.28 42.05 -27.14
CA THR D 10 4.07 41.90 -27.95
C THR D 10 4.42 41.22 -29.26
N LEU D 11 3.47 40.46 -29.80
CA LEU D 11 3.69 39.82 -31.09
C LEU D 11 2.34 39.52 -31.73
N SER D 12 2.33 39.58 -33.06
CA SER D 12 1.15 39.29 -33.86
C SER D 12 1.33 37.99 -34.62
N ALA D 13 0.25 37.21 -34.72
CA ALA D 13 0.31 35.93 -35.40
C ALA D 13 -1.06 35.60 -35.96
N SER D 14 -1.06 34.74 -36.97
CA SER D 14 -2.29 34.27 -37.61
C SER D 14 -2.69 32.92 -37.04
N VAL D 15 -3.94 32.55 -37.28
CA VAL D 15 -4.43 31.24 -36.83
C VAL D 15 -3.74 30.16 -37.65
N GLY D 16 -3.10 29.22 -36.95
CA GLY D 16 -2.34 28.15 -37.57
C GLY D 16 -0.84 28.30 -37.51
N ASP D 17 -0.34 29.40 -36.96
CA ASP D 17 1.10 29.62 -36.90
C ASP D 17 1.75 28.92 -35.71
N ARG D 18 3.07 28.78 -35.80
CA ARG D 18 3.90 28.30 -34.70
C ARG D 18 4.47 29.50 -33.96
N VAL D 19 4.04 29.67 -32.70
CA VAL D 19 4.39 30.83 -31.90
C VAL D 19 5.39 30.41 -30.83
N THR D 20 6.43 31.22 -30.64
CA THR D 20 7.42 31.00 -29.59
C THR D 20 7.51 32.24 -28.71
N ILE D 21 7.40 32.05 -27.40
CA ILE D 21 7.53 33.11 -26.42
C ILE D 21 8.69 32.76 -25.50
N THR D 22 9.67 33.64 -25.39
CA THR D 22 10.86 33.41 -24.60
C THR D 22 10.84 34.27 -23.34
N CYS D 23 11.33 33.70 -22.24
CA CYS D 23 11.33 34.36 -20.95
C CYS D 23 12.69 34.09 -20.29
N ARG D 24 13.50 35.14 -20.14
CA ARG D 24 14.87 35.01 -19.65
C ARG D 24 15.02 35.57 -18.24
N ALA D 25 16.11 35.16 -17.60
CA ALA D 25 16.44 35.58 -16.24
C ALA D 25 17.90 35.99 -16.17
N SER D 26 18.21 36.77 -15.13
CA SER D 26 19.56 37.33 -14.98
C SER D 26 20.58 36.29 -14.51
N GLN D 27 20.15 35.25 -13.81
CA GLN D 27 21.08 34.25 -13.30
C GLN D 27 20.37 32.90 -13.27
N SER D 28 21.03 31.90 -12.69
CA SER D 28 20.39 30.61 -12.49
C SER D 28 19.25 30.80 -11.50
N ILE D 29 18.05 30.41 -11.89
CA ILE D 29 16.86 30.65 -11.08
C ILE D 29 16.28 29.37 -10.52
N SER D 30 17.15 28.40 -10.24
CA SER D 30 16.78 27.10 -9.68
C SER D 30 15.88 26.25 -10.58
N SER D 31 14.66 26.71 -10.87
CA SER D 31 13.73 25.90 -11.66
C SER D 31 12.62 26.76 -12.25
N TRP D 32 12.38 26.58 -13.54
CA TRP D 32 11.19 27.12 -14.19
C TRP D 32 9.98 26.25 -13.88
N LEU D 33 8.87 26.89 -13.55
CA LEU D 33 7.69 26.17 -13.05
C LEU D 33 6.63 25.95 -14.14
N ALA D 34 6.14 27.01 -14.77
CA ALA D 34 4.99 26.86 -15.66
C ALA D 34 4.81 28.11 -16.51
N TRP D 35 3.89 28.01 -17.46
CA TRP D 35 3.39 29.12 -18.24
C TRP D 35 1.89 29.29 -17.99
N TYR D 36 1.42 30.53 -18.04
CA TYR D 36 0.03 30.84 -17.76
C TYR D 36 -0.53 31.71 -18.88
N GLN D 37 -1.82 31.51 -19.14
CA GLN D 37 -2.56 32.24 -20.16
C GLN D 37 -3.69 33.02 -19.50
N GLN D 38 -3.78 34.32 -19.76
CA GLN D 38 -4.81 35.14 -19.17
C GLN D 38 -5.47 36.02 -20.23
N LYS D 39 -6.78 35.99 -20.25
CA LYS D 39 -7.64 36.82 -21.08
C LYS D 39 -8.24 37.95 -20.26
N PRO D 40 -8.60 39.07 -20.89
CA PRO D 40 -9.08 40.23 -20.13
C PRO D 40 -10.28 39.90 -19.27
N GLY D 41 -10.23 40.34 -18.01
CA GLY D 41 -11.32 40.15 -17.08
C GLY D 41 -11.35 38.80 -16.40
N LYS D 42 -10.44 37.90 -16.73
CA LYS D 42 -10.47 36.53 -16.24
C LYS D 42 -9.21 36.20 -15.46
N ALA D 43 -9.33 35.20 -14.59
CA ALA D 43 -8.19 34.72 -13.83
C ALA D 43 -7.23 33.99 -14.76
N PRO D 44 -5.94 33.97 -14.42
CA PRO D 44 -4.97 33.23 -15.25
C PRO D 44 -5.29 31.74 -15.26
N LYS D 45 -4.87 31.08 -16.33
CA LYS D 45 -5.09 29.65 -16.52
C LYS D 45 -3.75 28.96 -16.74
N LEU D 46 -3.51 27.91 -15.98
CA LEU D 46 -2.30 27.12 -16.17
C LEU D 46 -2.33 26.42 -17.51
N LEU D 47 -1.19 26.44 -18.21
CA LEU D 47 -1.05 25.72 -19.47
C LEU D 47 -0.48 24.34 -19.19
N MET D 48 -1.15 23.33 -19.73
CA MET D 48 -0.75 21.93 -19.55
C MET D 48 -0.27 21.37 -20.88
N TYR D 49 0.80 20.58 -20.81
N TYR D 49 0.84 20.61 -20.82
CA TYR D 49 1.41 20.01 -22.01
CA TYR D 49 1.42 19.99 -21.99
C TYR D 49 0.82 18.66 -22.37
C TYR D 49 0.59 18.82 -22.51
N LYS D 50 -0.22 18.21 -21.66
CA LYS D 50 -1.01 17.05 -22.02
C LYS D 50 -2.46 17.47 -22.21
N ALA D 51 -3.08 16.96 -23.27
CA ALA D 51 -4.47 17.30 -23.56
C ALA D 51 -5.42 16.23 -23.02
N PRO D 59 -4.45 16.34 -28.87
CA PRO D 59 -2.98 16.51 -28.87
C PRO D 59 -2.66 17.92 -28.42
N SER D 60 -1.83 18.09 -27.37
CA SER D 60 -1.64 19.47 -26.83
C SER D 60 -0.71 20.33 -27.69
N ARG D 61 -1.15 21.55 -27.97
CA ARG D 61 -0.34 22.50 -28.77
C ARG D 61 0.69 23.23 -27.91
N PHE D 62 0.74 22.98 -26.61
CA PHE D 62 1.65 23.81 -25.78
C PHE D 62 2.83 22.99 -25.31
N SER D 63 4.02 23.57 -25.31
CA SER D 63 5.22 22.86 -24.91
C SER D 63 6.19 23.86 -24.29
N GLY D 64 6.80 23.48 -23.17
CA GLY D 64 7.75 24.32 -22.47
C GLY D 64 9.13 23.71 -22.49
N SER D 65 10.15 24.56 -22.56
CA SER D 65 11.54 24.11 -22.60
C SER D 65 12.38 25.11 -21.81
N GLY D 66 12.93 24.67 -20.68
CA GLY D 66 13.73 25.54 -19.84
C GLY D 66 15.15 25.05 -19.66
N SER D 67 16.13 25.87 -20.03
CA SER D 67 17.55 25.51 -19.95
C SER D 67 18.29 26.63 -19.24
N GLY D 68 18.15 26.68 -17.92
CA GLY D 68 18.95 27.57 -17.11
C GLY D 68 18.45 28.99 -17.04
N THR D 69 18.98 29.84 -17.92
CA THR D 69 18.60 31.25 -18.01
C THR D 69 17.45 31.50 -18.98
N GLU D 70 17.02 30.49 -19.73
CA GLU D 70 16.02 30.63 -20.78
C GLU D 70 14.86 29.69 -20.55
N PHE D 71 13.64 30.21 -20.72
CA PHE D 71 12.42 29.42 -20.65
C PHE D 71 11.59 29.78 -21.87
N THR D 72 11.14 28.77 -22.60
CA THR D 72 10.48 28.98 -23.88
C THR D 72 9.14 28.26 -23.90
N LEU D 73 8.11 28.96 -24.38
CA LEU D 73 6.81 28.37 -24.64
C LEU D 73 6.60 28.27 -26.15
N THR D 74 6.10 27.13 -26.59
CA THR D 74 5.82 26.87 -28.00
C THR D 74 4.36 26.51 -28.16
N ILE D 75 3.66 27.24 -29.03
CA ILE D 75 2.29 26.93 -29.40
C ILE D 75 2.35 26.43 -30.84
N SER D 76 2.24 25.11 -31.02
CA SER D 76 2.49 24.49 -32.32
C SER D 76 1.49 24.95 -33.37
N SER D 77 0.22 25.10 -32.98
CA SER D 77 -0.82 25.54 -33.92
C SER D 77 -1.78 26.44 -33.18
N LEU D 78 -1.84 27.71 -33.58
CA LEU D 78 -2.59 28.74 -32.88
C LEU D 78 -4.03 28.81 -33.37
N GLN D 79 -4.98 28.74 -32.45
CA GLN D 79 -6.38 28.95 -32.77
C GLN D 79 -6.84 30.29 -32.22
N PRO D 80 -7.98 30.83 -32.67
CA PRO D 80 -8.46 32.12 -32.14
C PRO D 80 -8.67 32.12 -30.63
N ASP D 81 -8.68 30.95 -29.98
CA ASP D 81 -8.83 30.88 -28.54
C ASP D 81 -7.52 31.20 -27.81
N ASP D 82 -6.40 31.28 -28.51
CA ASP D 82 -5.08 31.44 -27.89
C ASP D 82 -4.61 32.89 -27.85
N PHE D 83 -5.43 33.84 -28.28
CA PHE D 83 -5.03 35.25 -28.27
C PHE D 83 -5.26 35.81 -26.86
N ALA D 84 -4.18 36.01 -26.13
CA ALA D 84 -4.22 36.39 -24.72
C ALA D 84 -2.82 36.85 -24.32
N THR D 85 -2.60 37.04 -23.02
CA THR D 85 -1.30 37.36 -22.49
C THR D 85 -0.73 36.15 -21.76
N TYR D 86 0.56 35.93 -21.90
CA TYR D 86 1.24 34.75 -21.38
C TYR D 86 2.32 35.17 -20.37
N TYR D 87 2.35 34.46 -19.25
CA TYR D 87 3.31 34.74 -18.18
C TYR D 87 4.08 33.47 -17.86
N CYS D 88 5.41 33.58 -17.78
CA CYS D 88 6.20 32.51 -17.22
C CYS D 88 6.21 32.62 -15.70
N GLN D 89 6.59 31.53 -15.04
CA GLN D 89 6.70 31.50 -13.59
C GLN D 89 7.91 30.66 -13.21
N GLN D 90 8.63 31.09 -12.17
CA GLN D 90 9.80 30.38 -11.71
C GLN D 90 9.90 30.47 -10.19
N TYR D 91 10.59 29.50 -9.60
CA TYR D 91 10.91 29.50 -8.18
C TYR D 91 12.38 29.80 -7.99
N ASN D 92 12.71 30.61 -6.99
CA ASN D 92 14.10 30.84 -6.64
C ASN D 92 14.19 31.37 -5.21
N SER D 93 14.88 30.62 -4.35
CA SER D 93 15.22 31.05 -3.00
C SER D 93 13.99 31.54 -2.22
N TYR D 94 13.09 30.58 -1.98
CA TYR D 94 11.92 30.76 -1.12
C TYR D 94 11.00 31.87 -1.65
N SER D 95 10.94 32.03 -2.96
CA SER D 95 10.02 32.97 -3.57
C SER D 95 9.70 32.50 -4.98
N LEU D 96 8.56 32.97 -5.49
CA LEU D 96 8.13 32.69 -6.86
C LEU D 96 7.99 34.02 -7.59
N THR D 97 8.20 33.99 -8.90
CA THR D 97 8.18 35.21 -9.69
C THR D 97 7.56 34.95 -11.05
N PHE D 98 6.64 35.82 -11.46
CA PHE D 98 6.10 35.80 -12.81
C PHE D 98 6.91 36.73 -13.70
N GLY D 99 7.03 36.34 -14.98
CA GLY D 99 7.67 37.17 -15.97
C GLY D 99 6.79 38.35 -16.34
N PRO D 100 7.36 39.33 -17.05
CA PRO D 100 6.59 40.55 -17.39
C PRO D 100 5.37 40.30 -18.27
N GLY D 101 5.36 39.23 -19.05
CA GLY D 101 4.19 38.93 -19.84
C GLY D 101 4.37 39.27 -21.31
N THR D 102 3.69 38.49 -22.16
CA THR D 102 3.72 38.67 -23.61
C THR D 102 2.30 38.59 -24.15
N LYS D 103 1.87 39.62 -24.86
CA LYS D 103 0.54 39.66 -25.45
C LYS D 103 0.60 39.17 -26.89
N VAL D 104 -0.24 38.20 -27.22
CA VAL D 104 -0.33 37.64 -28.56
C VAL D 104 -1.69 38.03 -29.14
N ASP D 105 -1.67 38.80 -30.22
CA ASP D 105 -2.88 39.32 -30.85
C ASP D 105 -2.97 38.85 -32.29
N LEU D 106 -4.12 39.11 -32.91
CA LEU D 106 -4.43 38.58 -34.23
C LEU D 106 -3.85 39.47 -35.31
N LYS D 107 -3.04 38.89 -36.20
CA LYS D 107 -2.41 39.65 -37.26
C LYS D 107 -3.41 39.99 -38.35
N ARG D 108 -3.26 41.18 -38.93
CA ARG D 108 -4.01 41.59 -40.10
C ARG D 108 -3.18 42.62 -40.86
N THR D 109 -3.77 43.20 -41.89
CA THR D 109 -3.10 44.24 -42.67
C THR D 109 -2.98 45.53 -41.87
N VAL D 110 -1.93 46.28 -42.17
CA VAL D 110 -1.79 47.62 -41.58
C VAL D 110 -2.98 48.49 -41.97
N ALA D 111 -3.45 49.28 -41.00
CA ALA D 111 -4.55 50.21 -41.21
C ALA D 111 -4.16 51.54 -40.56
N ALA D 112 -4.15 52.60 -41.35
CA ALA D 112 -3.86 53.92 -40.81
C ALA D 112 -5.02 54.41 -39.95
N PRO D 113 -4.75 55.02 -38.80
CA PRO D 113 -5.84 55.52 -37.97
C PRO D 113 -6.54 56.71 -38.60
N SER D 114 -7.85 56.80 -38.38
CA SER D 114 -8.58 58.04 -38.58
C SER D 114 -8.39 58.91 -37.34
N VAL D 115 -7.86 60.12 -37.52
CA VAL D 115 -7.45 60.97 -36.41
C VAL D 115 -8.46 62.12 -36.28
N PHE D 116 -9.05 62.23 -35.09
CA PHE D 116 -9.97 63.31 -34.76
C PHE D 116 -9.49 64.01 -33.50
N ILE D 117 -9.64 65.33 -33.46
CA ILE D 117 -9.25 66.12 -32.30
C ILE D 117 -10.43 66.95 -31.83
N PHE D 118 -10.70 66.93 -30.53
CA PHE D 118 -11.82 67.66 -29.94
C PHE D 118 -11.29 68.73 -29.00
N PRO D 119 -11.61 70.00 -29.24
CA PRO D 119 -11.32 71.03 -28.23
C PRO D 119 -12.21 70.85 -27.01
N PRO D 120 -11.84 71.40 -25.86
CA PRO D 120 -12.71 71.31 -24.69
C PRO D 120 -14.05 71.99 -24.94
N SER D 121 -15.11 71.41 -24.40
CA SER D 121 -16.44 72.00 -24.50
C SER D 121 -16.55 73.24 -23.63
N ASP D 122 -17.42 74.16 -24.04
CA ASP D 122 -17.67 75.35 -23.24
C ASP D 122 -18.23 75.00 -21.86
N GLU D 123 -19.01 73.93 -21.76
CA GLU D 123 -19.54 73.53 -20.46
C GLU D 123 -18.41 73.14 -19.51
N GLN D 124 -17.40 72.43 -20.00
CA GLN D 124 -16.28 72.08 -19.12
C GLN D 124 -15.45 73.31 -18.80
N LEU D 125 -15.25 74.19 -19.77
CA LEU D 125 -14.42 75.37 -19.54
C LEU D 125 -14.95 76.21 -18.38
N LYS D 126 -16.27 76.23 -18.18
CA LYS D 126 -16.84 76.98 -17.07
C LYS D 126 -16.42 76.43 -15.71
N SER D 127 -16.00 75.17 -15.65
CA SER D 127 -15.52 74.59 -14.41
C SER D 127 -14.07 74.93 -14.10
N GLY D 128 -13.35 75.54 -15.05
CA GLY D 128 -11.97 75.93 -14.83
C GLY D 128 -10.93 74.96 -15.34
N THR D 129 -11.32 73.83 -15.93
CA THR D 129 -10.40 72.85 -16.45
C THR D 129 -10.73 72.58 -17.92
N ALA D 130 -9.69 72.37 -18.72
CA ALA D 130 -9.81 72.11 -20.15
C ALA D 130 -9.22 70.75 -20.47
N SER D 131 -10.02 69.90 -21.11
CA SER D 131 -9.57 68.59 -21.58
C SER D 131 -9.61 68.58 -23.10
N VAL D 132 -8.44 68.41 -23.73
CA VAL D 132 -8.34 68.24 -25.18
C VAL D 132 -8.19 66.76 -25.48
N VAL D 133 -9.06 66.23 -26.33
CA VAL D 133 -9.13 64.80 -26.60
C VAL D 133 -8.72 64.54 -28.03
N CYS D 134 -7.88 63.53 -28.23
CA CYS D 134 -7.44 63.08 -29.54
C CYS D 134 -7.85 61.63 -29.71
N LEU D 135 -8.53 61.33 -30.81
CA LEU D 135 -9.04 59.99 -31.09
C LEU D 135 -8.31 59.41 -32.30
N LEU D 136 -7.74 58.22 -32.12
CA LEU D 136 -7.16 57.41 -33.17
C LEU D 136 -8.07 56.20 -33.37
N ASN D 137 -8.76 56.14 -34.50
CA ASN D 137 -9.83 55.18 -34.68
C ASN D 137 -9.45 54.11 -35.69
N ASN D 138 -9.58 52.84 -35.26
CA ASN D 138 -9.54 51.69 -36.16
C ASN D 138 -8.22 51.62 -36.94
N PHE D 139 -7.15 51.39 -36.20
CA PHE D 139 -5.82 51.26 -36.78
C PHE D 139 -5.19 49.92 -36.40
N TYR D 140 -4.14 49.57 -37.14
CA TYR D 140 -3.34 48.38 -36.88
C TYR D 140 -1.97 48.61 -37.50
N PRO D 141 -0.86 48.22 -36.83
CA PRO D 141 -0.77 47.48 -35.56
C PRO D 141 -0.97 48.36 -34.33
N ARG D 142 -0.85 47.76 -33.13
CA ARG D 142 -1.12 48.47 -31.89
C ARG D 142 -0.13 49.61 -31.66
N GLU D 143 1.14 49.39 -31.97
CA GLU D 143 2.19 50.35 -31.64
C GLU D 143 1.98 51.67 -32.39
N ALA D 144 1.79 52.75 -31.63
CA ALA D 144 1.63 54.08 -32.18
C ALA D 144 2.12 55.09 -31.16
N LYS D 145 2.85 56.10 -31.63
CA LYS D 145 3.38 57.14 -30.76
C LYS D 145 2.53 58.39 -30.91
N VAL D 146 1.91 58.81 -29.81
CA VAL D 146 1.03 59.99 -29.79
C VAL D 146 1.72 61.10 -29.04
N GLN D 147 1.80 62.28 -29.65
CA GLN D 147 2.50 63.42 -29.08
C GLN D 147 1.60 64.65 -29.16
N TRP D 148 1.58 65.43 -28.08
CA TRP D 148 0.83 66.68 -28.03
C TRP D 148 1.76 67.85 -28.23
N LYS D 149 1.33 68.81 -29.05
CA LYS D 149 2.06 70.05 -29.27
C LYS D 149 1.11 71.22 -29.07
N VAL D 150 1.55 72.20 -28.28
CA VAL D 150 0.80 73.42 -28.04
C VAL D 150 1.66 74.59 -28.49
N ASP D 151 1.19 75.32 -29.50
CA ASP D 151 1.98 76.35 -30.17
C ASP D 151 3.33 75.79 -30.62
N ASN D 152 3.28 74.60 -31.21
CA ASN D 152 4.43 73.86 -31.74
C ASN D 152 5.41 73.43 -30.65
N ALA D 153 5.06 73.57 -29.38
CA ALA D 153 5.91 73.17 -28.27
C ALA D 153 5.50 71.78 -27.76
N LEU D 154 6.48 70.89 -27.61
CA LEU D 154 6.18 69.53 -27.17
C LEU D 154 5.70 69.52 -25.72
N GLN D 155 4.68 68.70 -25.46
CA GLN D 155 4.11 68.54 -24.13
C GLN D 155 4.51 67.19 -23.55
N SER D 156 4.70 67.16 -22.24
CA SER D 156 5.04 65.92 -21.55
C SER D 156 4.54 66.00 -20.12
N GLY D 157 4.07 64.85 -19.62
CA GLY D 157 3.61 64.74 -18.25
C GLY D 157 2.20 65.20 -18.00
N ASN D 158 1.51 65.76 -19.00
CA ASN D 158 0.17 66.30 -18.83
C ASN D 158 -0.85 65.63 -19.74
N SER D 159 -0.58 64.39 -20.16
CA SER D 159 -1.53 63.65 -20.98
C SER D 159 -1.58 62.20 -20.51
N GLN D 160 -2.72 61.55 -20.78
CA GLN D 160 -2.92 60.15 -20.46
C GLN D 160 -3.57 59.46 -21.66
N GLU D 161 -3.21 58.19 -21.89
CA GLU D 161 -3.68 57.43 -23.03
C GLU D 161 -4.47 56.21 -22.58
N SER D 162 -5.37 55.78 -23.45
CA SER D 162 -6.21 54.62 -23.23
C SER D 162 -6.47 53.96 -24.56
N VAL D 163 -6.44 52.63 -24.57
CA VAL D 163 -6.55 51.82 -25.78
C VAL D 163 -7.59 50.73 -25.56
N THR D 164 -8.40 50.48 -26.58
CA THR D 164 -9.38 49.41 -26.54
C THR D 164 -8.69 48.05 -26.77
N GLU D 165 -9.43 46.99 -26.48
CA GLU D 165 -9.01 45.66 -26.87
C GLU D 165 -9.19 45.48 -28.39
N GLN D 166 -8.47 44.50 -28.94
CA GLN D 166 -8.58 44.24 -30.36
C GLN D 166 -10.01 43.84 -30.70
N ASP D 167 -10.57 44.49 -31.72
CA ASP D 167 -11.98 44.32 -32.06
C ASP D 167 -12.24 42.92 -32.57
N SER D 168 -13.47 42.43 -32.31
CA SER D 168 -13.83 41.07 -32.72
C SER D 168 -14.06 40.96 -34.22
N LYS D 169 -14.51 42.04 -34.88
CA LYS D 169 -14.83 41.96 -36.30
C LYS D 169 -13.63 42.27 -37.19
N ASP D 170 -13.10 43.50 -37.09
CA ASP D 170 -12.02 43.94 -37.94
C ASP D 170 -10.64 43.79 -37.30
N SER D 171 -10.58 43.37 -36.04
CA SER D 171 -9.32 43.15 -35.32
C SER D 171 -8.40 44.38 -35.38
N THR D 172 -8.99 45.56 -35.26
CA THR D 172 -8.23 46.80 -35.17
C THR D 172 -8.19 47.28 -33.72
N TYR D 173 -7.46 48.37 -33.51
CA TYR D 173 -7.38 49.05 -32.23
C TYR D 173 -7.87 50.48 -32.37
N SER D 174 -8.32 51.04 -31.23
CA SER D 174 -8.62 52.45 -31.13
C SER D 174 -7.94 53.00 -29.89
N LEU D 175 -7.51 54.27 -29.97
CA LEU D 175 -6.76 54.91 -28.90
C LEU D 175 -7.28 56.32 -28.67
N SER D 176 -7.35 56.72 -27.41
CA SER D 176 -7.67 58.09 -27.04
C SER D 176 -6.55 58.65 -26.18
N SER D 177 -6.18 59.90 -26.44
CA SER D 177 -5.20 60.61 -25.63
C SER D 177 -5.83 61.91 -25.17
N THR D 178 -5.74 62.20 -23.87
CA THR D 178 -6.35 63.39 -23.29
C THR D 178 -5.26 64.28 -22.72
N LEU D 179 -5.21 65.52 -23.20
CA LEU D 179 -4.32 66.54 -22.67
C LEU D 179 -5.11 67.42 -21.70
N THR D 180 -4.67 67.46 -20.45
CA THR D 180 -5.38 68.20 -19.40
C THR D 180 -4.63 69.48 -19.08
N LEU D 181 -5.31 70.61 -19.24
CA LEU D 181 -4.78 71.91 -18.90
C LEU D 181 -5.81 72.66 -18.08
N SER D 182 -5.36 73.68 -17.36
CA SER D 182 -6.31 74.59 -16.73
C SER D 182 -6.96 75.46 -17.79
N LYS D 183 -8.14 75.99 -17.45
CA LYS D 183 -8.79 76.95 -18.32
C LYS D 183 -7.88 78.14 -18.60
N ALA D 184 -7.16 78.60 -17.58
CA ALA D 184 -6.25 79.74 -17.74
C ALA D 184 -5.15 79.43 -18.75
N ASP D 185 -4.51 78.27 -18.62
CA ASP D 185 -3.44 77.91 -19.56
C ASP D 185 -3.97 77.74 -20.97
N TYR D 186 -5.16 77.13 -21.11
CA TYR D 186 -5.72 76.88 -22.43
C TYR D 186 -5.98 78.17 -23.19
N GLU D 187 -6.41 79.21 -22.48
CA GLU D 187 -6.68 80.50 -23.12
C GLU D 187 -5.41 81.28 -23.46
N LYS D 188 -4.25 80.86 -22.97
CA LYS D 188 -3.00 81.53 -23.25
C LYS D 188 -2.33 81.08 -24.54
N HIS D 189 -2.90 80.10 -25.24
CA HIS D 189 -2.29 79.53 -26.43
C HIS D 189 -3.33 79.42 -27.54
N LYS D 190 -2.84 79.21 -28.76
CA LYS D 190 -3.70 79.23 -29.95
C LYS D 190 -3.81 77.89 -30.64
N VAL D 191 -2.68 77.25 -30.97
CA VAL D 191 -2.66 76.05 -31.79
C VAL D 191 -2.48 74.83 -30.91
N TYR D 192 -3.38 73.87 -31.04
CA TYR D 192 -3.33 72.61 -30.30
C TYR D 192 -3.30 71.46 -31.30
N ALA D 193 -2.28 70.61 -31.20
CA ALA D 193 -2.02 69.59 -32.21
C ALA D 193 -1.78 68.24 -31.57
N CYS D 194 -2.31 67.20 -32.21
CA CYS D 194 -2.10 65.81 -31.83
C CYS D 194 -1.42 65.09 -32.99
N GLU D 195 -0.20 64.62 -32.76
CA GLU D 195 0.58 63.95 -33.79
C GLU D 195 0.67 62.46 -33.48
N VAL D 196 0.40 61.62 -34.47
CA VAL D 196 0.47 60.17 -34.34
C VAL D 196 1.49 59.65 -35.35
N THR D 197 2.44 58.84 -34.87
CA THR D 197 3.49 58.28 -35.71
C THR D 197 3.38 56.76 -35.72
N GLN D 198 3.41 56.19 -36.92
CA GLN D 198 3.48 54.75 -37.11
C GLN D 198 4.38 54.47 -38.32
N GLY D 199 5.46 53.74 -38.09
CA GLY D 199 6.37 53.45 -39.19
C GLY D 199 6.95 54.72 -39.78
N THR D 200 6.78 54.88 -41.08
CA THR D 200 7.34 56.01 -41.81
C THR D 200 6.35 57.16 -41.99
N THR D 201 5.17 57.10 -41.36
CA THR D 201 4.14 58.10 -41.54
C THR D 201 3.78 58.76 -40.21
N SER D 202 3.73 60.09 -40.21
CA SER D 202 3.22 60.87 -39.08
C SER D 202 2.05 61.72 -39.57
N VAL D 203 0.97 61.74 -38.80
CA VAL D 203 -0.22 62.53 -39.12
C VAL D 203 -0.50 63.44 -37.94
N THR D 204 -0.68 64.73 -38.22
CA THR D 204 -0.95 65.73 -37.18
C THR D 204 -2.30 66.38 -37.45
N LYS D 205 -3.23 66.23 -36.50
CA LYS D 205 -4.49 66.97 -36.51
C LYS D 205 -4.42 68.10 -35.49
N SER D 206 -4.95 69.26 -35.86
CA SER D 206 -4.85 70.43 -35.00
C SER D 206 -6.15 71.23 -35.07
N PHE D 207 -6.27 72.19 -34.15
CA PHE D 207 -7.31 73.21 -34.20
C PHE D 207 -6.74 74.48 -33.59
N ASN D 208 -7.36 75.60 -33.94
CA ASN D 208 -7.02 76.89 -33.33
C ASN D 208 -8.15 77.29 -32.39
N ARG D 209 -7.79 77.67 -31.17
CA ARG D 209 -8.77 78.08 -30.17
C ARG D 209 -9.52 79.34 -30.60
N SER E 10 -15.64 3.57 -15.81
CA SER E 10 -15.11 3.22 -17.11
C SER E 10 -14.01 2.17 -16.98
N CYS E 11 -13.73 1.76 -15.74
CA CYS E 11 -12.68 0.79 -15.44
C CYS E 11 -13.33 -0.49 -14.93
N ASN E 12 -13.36 -1.52 -15.78
CA ASN E 12 -13.88 -2.82 -15.40
C ASN E 12 -12.79 -3.66 -14.73
N GLY E 13 -12.30 -3.14 -13.62
CA GLY E 13 -11.25 -3.79 -12.84
C GLY E 13 -10.94 -2.98 -11.60
N LEU E 14 -9.65 -2.87 -11.26
CA LEU E 14 -9.22 -2.12 -10.10
C LEU E 14 -8.74 -0.76 -10.57
N TYR E 15 -9.37 0.30 -10.06
CA TYR E 15 -8.97 1.67 -10.37
C TYR E 15 -8.23 2.23 -9.15
N TYR E 16 -6.99 2.68 -9.36
CA TYR E 16 -6.23 3.24 -8.25
C TYR E 16 -5.35 4.37 -8.79
N GLN E 17 -5.63 5.59 -8.34
CA GLN E 17 -4.88 6.79 -8.71
C GLN E 17 -4.70 6.93 -10.22
N GLY E 18 -5.83 6.98 -10.92
CA GLY E 18 -5.87 7.21 -12.35
C GLY E 18 -5.42 6.06 -13.22
N SER E 19 -5.05 4.93 -12.65
CA SER E 19 -4.60 3.77 -13.40
C SER E 19 -5.63 2.66 -13.26
N CYS E 20 -5.95 2.00 -14.37
CA CYS E 20 -6.91 0.91 -14.38
C CYS E 20 -6.18 -0.41 -14.61
N TYR E 21 -6.41 -1.37 -13.71
CA TYR E 21 -5.79 -2.68 -13.74
C TYR E 21 -6.85 -3.71 -14.10
N ILE E 22 -6.61 -4.47 -15.17
CA ILE E 22 -7.57 -5.42 -15.71
C ILE E 22 -7.07 -6.83 -15.44
N LEU E 23 -7.90 -7.64 -14.76
CA LEU E 23 -7.52 -8.99 -14.40
C LEU E 23 -7.67 -9.94 -15.58
N HIS E 24 -6.66 -10.76 -15.82
CA HIS E 24 -6.71 -11.85 -16.78
C HIS E 24 -6.60 -13.16 -15.99
N SER E 25 -7.71 -13.89 -15.88
CA SER E 25 -7.77 -15.09 -15.05
C SER E 25 -7.13 -16.30 -15.72
N ASP E 26 -6.87 -16.23 -17.03
CA ASP E 26 -6.19 -17.31 -17.72
C ASP E 26 -4.77 -17.45 -17.21
N TYR E 27 -4.37 -18.69 -16.89
CA TYR E 27 -3.00 -18.92 -16.48
C TYR E 27 -2.10 -18.86 -17.70
N LYS E 28 -1.06 -18.03 -17.64
CA LYS E 28 -0.16 -17.83 -18.75
C LYS E 28 1.27 -17.81 -18.25
N SER E 29 2.20 -18.14 -19.15
CA SER E 29 3.60 -17.89 -18.87
C SER E 29 3.84 -16.39 -18.85
N PHE E 30 4.97 -15.98 -18.29
CA PHE E 30 5.29 -14.56 -18.25
C PHE E 30 5.36 -13.99 -19.66
N GLU E 31 5.93 -14.77 -20.59
CA GLU E 31 6.08 -14.29 -21.96
C GLU E 31 4.74 -14.01 -22.62
N ASP E 32 3.77 -14.91 -22.45
CA ASP E 32 2.45 -14.68 -23.03
C ASP E 32 1.71 -13.58 -22.31
N ALA E 33 1.90 -13.47 -20.99
CA ALA E 33 1.25 -12.40 -20.25
C ALA E 33 1.72 -11.03 -20.72
N LYS E 34 3.03 -10.86 -20.90
CA LYS E 34 3.54 -9.57 -21.36
C LYS E 34 3.10 -9.27 -22.78
N ALA E 35 3.09 -10.29 -23.64
CA ALA E 35 2.66 -10.10 -25.01
C ALA E 35 1.18 -9.75 -25.08
N ASN E 36 0.37 -10.38 -24.23
CA ASN E 36 -1.05 -10.08 -24.21
C ASN E 36 -1.32 -8.66 -23.74
N CYS E 37 -0.59 -8.20 -22.73
CA CYS E 37 -0.75 -6.81 -22.29
C CYS E 37 -0.27 -5.83 -23.35
N ALA E 38 0.86 -6.15 -24.01
CA ALA E 38 1.40 -5.25 -25.02
C ALA E 38 0.46 -5.08 -26.21
N ALA E 39 -0.27 -6.14 -26.57
CA ALA E 39 -1.22 -6.08 -27.67
C ALA E 39 -2.40 -5.16 -27.37
N GLU E 40 -2.58 -4.74 -26.12
CA GLU E 40 -3.64 -3.79 -25.75
C GLU E 40 -3.07 -2.46 -25.26
N SER E 41 -1.85 -2.13 -25.65
CA SER E 41 -1.17 -0.91 -25.20
C SER E 41 -1.14 -0.83 -23.68
N SER E 42 -0.81 -1.95 -23.04
CA SER E 42 -0.77 -2.04 -21.59
C SER E 42 0.49 -2.78 -21.17
N THR E 43 0.79 -2.71 -19.87
CA THR E 43 1.95 -3.37 -19.29
C THR E 43 1.54 -4.10 -18.01
N LEU E 44 2.41 -5.00 -17.57
CA LEU E 44 2.21 -5.68 -16.30
C LEU E 44 2.49 -4.72 -15.13
N PRO E 45 1.86 -4.97 -13.98
CA PRO E 45 2.06 -4.07 -12.83
C PRO E 45 3.51 -4.05 -12.35
N ASN E 46 3.92 -2.88 -11.88
CA ASN E 46 5.21 -2.73 -11.21
C ASN E 46 5.06 -3.06 -9.73
N LYS E 47 5.98 -3.86 -9.21
CA LYS E 47 5.89 -4.30 -7.82
C LYS E 47 6.02 -3.12 -6.85
N SER E 48 6.84 -2.13 -7.18
CA SER E 48 7.03 -0.99 -6.30
C SER E 48 5.78 -0.11 -6.19
N ASP E 49 4.86 -0.22 -7.16
CA ASP E 49 3.65 0.58 -7.18
C ASP E 49 2.46 -0.08 -6.48
N VAL E 50 2.59 -1.33 -6.01
CA VAL E 50 1.43 -2.04 -5.48
C VAL E 50 1.67 -2.56 -4.06
N LEU E 51 2.94 -2.55 -3.61
CA LEU E 51 3.28 -3.24 -2.36
C LEU E 51 2.58 -2.63 -1.15
N THR E 52 2.53 -1.31 -1.06
CA THR E 52 2.03 -0.65 0.13
C THR E 52 0.57 -0.23 0.03
N THR E 53 -0.12 -0.65 -1.03
CA THR E 53 -1.50 -0.27 -1.27
C THR E 53 -2.42 -1.47 -1.04
N TRP E 54 -3.74 -1.21 -1.13
CA TRP E 54 -4.71 -2.29 -1.03
C TRP E 54 -4.69 -3.21 -2.24
N LEU E 55 -3.99 -2.82 -3.32
CA LEU E 55 -3.89 -3.67 -4.50
C LEU E 55 -3.10 -4.94 -4.22
N ILE E 56 -2.29 -4.97 -3.16
CA ILE E 56 -1.38 -6.10 -2.93
C ILE E 56 -2.16 -7.39 -2.71
N ASP E 57 -3.36 -7.30 -2.12
CA ASP E 57 -4.14 -8.51 -1.88
C ASP E 57 -4.64 -9.13 -3.19
N TYR E 58 -4.81 -8.31 -4.23
CA TYR E 58 -5.22 -8.79 -5.54
C TYR E 58 -4.03 -9.21 -6.40
N VAL E 59 -2.97 -8.40 -6.41
CA VAL E 59 -1.86 -8.59 -7.35
C VAL E 59 -0.82 -9.58 -6.85
N GLU E 60 -0.93 -10.05 -5.61
CA GLU E 60 0.04 -11.02 -5.11
C GLU E 60 0.01 -12.31 -5.93
N ASP E 61 1.21 -12.80 -6.25
CA ASP E 61 1.50 -14.00 -7.03
C ASP E 61 1.12 -13.90 -8.49
N THR E 62 0.78 -12.71 -8.98
CA THR E 62 0.57 -12.51 -10.41
C THR E 62 1.86 -11.95 -11.02
N TRP E 63 1.90 -11.94 -12.35
CA TRP E 63 3.14 -11.60 -13.04
C TRP E 63 3.48 -10.12 -12.89
N GLY E 64 4.73 -9.86 -12.52
CA GLY E 64 5.24 -8.50 -12.55
C GLY E 64 5.98 -8.20 -13.85
N SER E 65 6.20 -6.90 -14.08
CA SER E 65 6.84 -6.47 -15.32
C SER E 65 8.28 -6.97 -15.39
N ASP E 66 8.91 -7.24 -14.25
CA ASP E 66 10.30 -7.66 -14.20
C ASP E 66 10.49 -9.14 -14.48
N GLY E 67 9.41 -9.88 -14.74
CA GLY E 67 9.50 -11.30 -15.01
C GLY E 67 9.32 -12.20 -13.82
N ASN E 68 9.19 -11.64 -12.61
CA ASN E 68 8.99 -12.40 -11.39
C ASN E 68 7.61 -12.12 -10.81
N PRO E 69 7.06 -13.06 -10.04
CA PRO E 69 5.80 -12.80 -9.34
C PRO E 69 5.94 -11.71 -8.29
N ILE E 70 4.86 -10.95 -8.11
CA ILE E 70 4.80 -9.93 -7.08
C ILE E 70 4.50 -10.60 -5.74
N THR E 71 5.39 -10.42 -4.77
CA THR E 71 5.26 -11.08 -3.49
C THR E 71 5.15 -10.02 -2.38
N LYS E 72 4.36 -10.34 -1.35
CA LYS E 72 4.26 -9.43 -0.21
C LYS E 72 5.57 -9.42 0.56
N THR E 73 5.97 -10.56 1.11
CA THR E 73 7.30 -10.68 1.69
C THR E 73 8.29 -10.99 0.56
N THR E 74 9.41 -10.28 0.55
CA THR E 74 10.41 -10.47 -0.49
C THR E 74 11.44 -11.51 -0.10
N SER E 83 10.02 -21.55 -13.40
CA SER E 83 10.21 -22.41 -14.55
C SER E 83 9.14 -22.15 -15.61
N GLN E 84 8.44 -23.20 -16.01
CA GLN E 84 7.28 -23.11 -16.89
C GLN E 84 6.00 -22.78 -16.13
N GLU E 85 6.11 -22.17 -14.95
CA GLU E 85 4.92 -21.88 -14.15
C GLU E 85 4.02 -20.88 -14.84
N VAL E 86 2.71 -21.05 -14.67
CA VAL E 86 1.70 -20.21 -15.28
C VAL E 86 0.94 -19.50 -14.17
N ARG E 87 0.67 -18.21 -14.38
CA ARG E 87 0.07 -17.38 -13.37
C ARG E 87 -0.98 -16.46 -13.99
N LYS E 88 -1.85 -15.93 -13.14
CA LYS E 88 -2.73 -14.85 -13.53
C LYS E 88 -1.94 -13.54 -13.59
N TYR E 89 -2.55 -12.51 -14.14
CA TYR E 89 -1.84 -11.25 -14.32
C TYR E 89 -2.84 -10.13 -14.58
N PHE E 90 -2.42 -8.91 -14.27
CA PHE E 90 -3.14 -7.71 -14.61
C PHE E 90 -2.41 -6.96 -15.72
N CYS E 91 -3.19 -6.24 -16.54
CA CYS E 91 -2.65 -5.30 -17.51
C CYS E 91 -3.12 -3.91 -17.11
N THR E 92 -2.23 -2.92 -17.26
CA THR E 92 -2.54 -1.56 -16.84
C THR E 92 -1.99 -0.58 -17.86
N GLY E 93 -2.63 0.59 -17.94
CA GLY E 93 -2.26 1.61 -18.90
C GLY E 93 -3.20 1.64 -20.09
N SER E 94 -2.92 2.58 -20.99
CA SER E 94 -3.71 2.75 -22.20
C SER E 94 -2.90 3.40 -23.31
N SER F 10 -13.99 6.44 -3.41
CA SER F 10 -14.34 6.05 -2.04
C SER F 10 -14.42 4.53 -1.92
N CYS F 11 -14.19 3.84 -3.04
CA CYS F 11 -14.26 2.38 -3.10
C CYS F 11 -12.87 1.82 -3.33
N ASN F 12 -12.26 1.28 -2.27
CA ASN F 12 -10.96 0.61 -2.38
C ASN F 12 -11.16 -0.86 -2.77
N GLY F 13 -11.76 -1.06 -3.94
CA GLY F 13 -12.05 -2.40 -4.41
C GLY F 13 -12.67 -2.42 -5.79
N LEU F 14 -13.67 -3.29 -5.96
CA LEU F 14 -14.34 -3.48 -7.23
C LEU F 14 -15.64 -2.69 -7.26
N TYR F 15 -15.77 -1.78 -8.23
CA TYR F 15 -16.98 -1.00 -8.42
C TYR F 15 -17.75 -1.55 -9.61
N TYR F 16 -19.01 -1.90 -9.39
CA TYR F 16 -19.91 -2.41 -10.41
C TYR F 16 -21.29 -1.86 -10.16
N GLN F 17 -21.84 -1.13 -11.15
CA GLN F 17 -23.15 -0.50 -11.06
C GLN F 17 -23.26 0.43 -9.87
N GLY F 18 -23.73 -0.06 -8.73
CA GLY F 18 -23.81 0.74 -7.53
C GLY F 18 -23.20 0.09 -6.31
N SER F 19 -22.58 -1.07 -6.49
CA SER F 19 -22.04 -1.85 -5.39
C SER F 19 -20.51 -1.84 -5.39
N CYS F 20 -19.94 -1.71 -4.20
CA CYS F 20 -18.50 -1.76 -3.97
C CYS F 20 -18.17 -3.05 -3.23
N TYR F 21 -17.21 -3.80 -3.76
CA TYR F 21 -16.81 -5.09 -3.18
C TYR F 21 -15.43 -4.94 -2.57
N ILE F 22 -15.31 -5.25 -1.28
CA ILE F 22 -14.07 -5.12 -0.54
C ILE F 22 -13.53 -6.51 -0.23
N LEU F 23 -12.30 -6.77 -0.65
CA LEU F 23 -11.69 -8.09 -0.47
C LEU F 23 -11.14 -8.25 0.94
N HIS F 24 -11.43 -9.38 1.56
CA HIS F 24 -10.83 -9.80 2.82
C HIS F 24 -9.99 -11.04 2.52
N SER F 25 -8.67 -10.87 2.48
CA SER F 25 -7.77 -11.96 2.11
C SER F 25 -7.62 -13.00 3.20
N ASP F 26 -8.08 -12.72 4.42
CA ASP F 26 -8.06 -13.70 5.48
C ASP F 26 -9.08 -14.81 5.22
N TYR F 27 -8.64 -16.06 5.34
CA TYR F 27 -9.53 -17.20 5.17
C TYR F 27 -10.43 -17.34 6.39
N LYS F 28 -11.74 -17.42 6.16
CA LYS F 28 -12.69 -17.58 7.25
C LYS F 28 -13.77 -18.57 6.82
N SER F 29 -14.39 -19.20 7.83
CA SER F 29 -15.56 -20.02 7.57
C SER F 29 -16.71 -19.14 7.11
N PHE F 30 -17.74 -19.78 6.53
CA PHE F 30 -18.90 -19.03 6.08
C PHE F 30 -19.57 -18.32 7.24
N GLU F 31 -19.61 -18.98 8.40
CA GLU F 31 -20.20 -18.40 9.60
C GLU F 31 -19.48 -17.12 10.00
N ASP F 32 -18.15 -17.16 10.02
CA ASP F 32 -17.37 -15.99 10.43
C ASP F 32 -17.31 -14.91 9.36
N ALA F 33 -17.22 -15.30 8.09
CA ALA F 33 -17.20 -14.31 7.01
C ALA F 33 -18.50 -13.52 6.96
N LYS F 34 -19.62 -14.22 7.11
CA LYS F 34 -20.92 -13.57 7.09
C LYS F 34 -21.06 -12.59 8.27
N ALA F 35 -20.56 -12.97 9.44
CA ALA F 35 -20.56 -12.05 10.58
C ALA F 35 -19.64 -10.86 10.35
N ASN F 36 -18.49 -11.08 9.71
CA ASN F 36 -17.54 -10.00 9.49
C ASN F 36 -18.10 -8.93 8.56
N CYS F 37 -18.80 -9.33 7.51
CA CYS F 37 -19.43 -8.35 6.63
C CYS F 37 -20.51 -7.58 7.36
N ALA F 38 -21.29 -8.26 8.22
CA ALA F 38 -22.35 -7.58 8.96
C ALA F 38 -21.79 -6.54 9.91
N ALA F 39 -20.60 -6.78 10.48
CA ALA F 39 -19.99 -5.81 11.37
C ALA F 39 -19.59 -4.52 10.64
N GLU F 40 -19.59 -4.52 9.32
CA GLU F 40 -19.32 -3.33 8.53
C GLU F 40 -20.54 -2.91 7.71
N SER F 41 -21.74 -3.32 8.14
CA SER F 41 -23.00 -3.01 7.45
C SER F 41 -22.95 -3.45 5.98
N SER F 42 -22.46 -4.67 5.77
CA SER F 42 -22.31 -5.22 4.43
C SER F 42 -22.79 -6.67 4.44
N THR F 43 -22.88 -7.25 3.24
CA THR F 43 -23.29 -8.62 3.05
C THR F 43 -22.33 -9.31 2.09
N LEU F 44 -22.38 -10.64 2.07
CA LEU F 44 -21.63 -11.38 1.08
C LEU F 44 -22.28 -11.22 -0.29
N PRO F 45 -21.51 -11.35 -1.37
CA PRO F 45 -22.09 -11.19 -2.70
C PRO F 45 -23.15 -12.24 -2.99
N ASN F 46 -24.18 -11.84 -3.73
CA ASN F 46 -25.18 -12.76 -4.23
C ASN F 46 -24.70 -13.35 -5.55
N LYS F 47 -24.82 -14.67 -5.68
CA LYS F 47 -24.23 -15.36 -6.83
C LYS F 47 -24.85 -14.89 -8.15
N SER F 48 -26.15 -14.63 -8.16
CA SER F 48 -26.83 -14.26 -9.41
C SER F 48 -26.41 -12.88 -9.91
N ASP F 49 -25.82 -12.05 -9.05
CA ASP F 49 -25.44 -10.69 -9.43
C ASP F 49 -24.02 -10.57 -9.97
N VAL F 50 -23.23 -11.64 -9.94
CA VAL F 50 -21.83 -11.52 -10.33
C VAL F 50 -21.44 -12.53 -11.41
N LEU F 51 -22.28 -13.54 -11.63
CA LEU F 51 -21.87 -14.67 -12.47
C LEU F 51 -21.61 -14.24 -13.92
N THR F 52 -22.45 -13.36 -14.47
CA THR F 52 -22.34 -12.99 -15.88
C THR F 52 -21.55 -11.71 -16.10
N THR F 53 -20.91 -11.18 -15.07
CA THR F 53 -20.16 -9.93 -15.15
C THR F 53 -18.66 -10.22 -15.08
N TRP F 54 -17.87 -9.15 -15.26
CA TRP F 54 -16.43 -9.28 -15.13
C TRP F 54 -15.98 -9.51 -13.70
N LEU F 55 -16.88 -9.34 -12.72
CA LEU F 55 -16.54 -9.59 -11.32
C LEU F 55 -16.25 -11.05 -11.05
N ILE F 56 -16.73 -11.96 -11.90
CA ILE F 56 -16.65 -13.39 -11.60
C ILE F 56 -15.20 -13.85 -11.47
N ASP F 57 -14.28 -13.22 -12.20
CA ASP F 57 -12.88 -13.62 -12.13
C ASP F 57 -12.28 -13.31 -10.76
N TYR F 58 -12.80 -12.31 -10.06
CA TYR F 58 -12.33 -11.96 -8.72
C TYR F 58 -13.05 -12.76 -7.63
N VAL F 59 -14.37 -12.90 -7.73
CA VAL F 59 -15.17 -13.48 -6.66
C VAL F 59 -15.24 -14.99 -6.71
N GLU F 60 -14.62 -15.61 -7.70
CA GLU F 60 -14.63 -17.06 -7.81
C GLU F 60 -13.98 -17.69 -6.57
N ASP F 61 -14.61 -18.77 -6.07
CA ASP F 61 -14.15 -19.56 -4.93
C ASP F 61 -14.26 -18.82 -3.60
N THR F 62 -14.85 -17.63 -3.59
CA THR F 62 -15.10 -16.92 -2.34
C THR F 62 -16.55 -17.14 -1.92
N TRP F 63 -16.84 -16.74 -0.68
CA TRP F 63 -18.14 -17.06 -0.09
C TRP F 63 -19.27 -16.27 -0.75
N GLY F 64 -20.33 -16.98 -1.13
CA GLY F 64 -21.56 -16.35 -1.53
C GLY F 64 -22.54 -16.24 -0.38
N SER F 65 -23.56 -15.40 -0.59
CA SER F 65 -24.53 -15.14 0.47
C SER F 65 -25.33 -16.39 0.84
N ASP F 66 -25.47 -17.33 -0.09
CA ASP F 66 -26.28 -18.53 0.14
C ASP F 66 -25.56 -19.62 0.91
N GLY F 67 -24.31 -19.40 1.33
CA GLY F 67 -23.57 -20.41 2.05
C GLY F 67 -22.67 -21.27 1.20
N ASN F 68 -22.68 -21.09 -0.11
CA ASN F 68 -21.84 -21.84 -1.02
C ASN F 68 -20.82 -20.92 -1.67
N PRO F 69 -19.66 -21.45 -2.07
CA PRO F 69 -18.73 -20.64 -2.85
C PRO F 69 -19.32 -20.31 -4.22
N ILE F 70 -18.99 -19.13 -4.73
CA ILE F 70 -19.40 -18.74 -6.07
C ILE F 70 -18.47 -19.42 -7.07
N THR F 71 -19.05 -20.22 -7.97
CA THR F 71 -18.26 -20.97 -8.92
C THR F 71 -18.62 -20.62 -10.35
N LYS F 72 -17.59 -20.54 -11.20
CA LYS F 72 -17.78 -20.31 -12.64
C LYS F 72 -18.26 -21.58 -13.34
N THR F 73 -17.49 -22.66 -13.22
CA THR F 73 -17.78 -23.96 -13.82
C THR F 73 -19.26 -24.28 -13.88
N THR F 74 -19.69 -24.75 -15.05
CA THR F 74 -21.07 -25.12 -15.34
C THR F 74 -21.34 -26.58 -15.05
N SER F 75 -20.33 -27.31 -14.57
CA SER F 75 -20.45 -28.73 -14.23
C SER F 75 -21.09 -28.90 -12.86
N ASP F 76 -20.90 -30.07 -12.25
CA ASP F 76 -21.53 -30.45 -11.00
C ASP F 76 -20.77 -29.94 -9.78
N TYR F 77 -20.09 -28.79 -9.91
CA TYR F 77 -19.37 -28.09 -8.85
C TYR F 77 -18.53 -29.05 -8.02
N GLN F 78 -18.32 -28.76 -6.74
CA GLN F 78 -17.58 -29.63 -5.84
C GLN F 78 -18.41 -29.84 -4.58
N ASP F 79 -19.03 -31.02 -4.46
CA ASP F 79 -19.83 -31.36 -3.29
C ASP F 79 -18.91 -31.56 -2.11
N SER F 80 -18.80 -30.54 -1.26
CA SER F 80 -17.88 -30.54 -0.13
C SER F 80 -18.61 -30.10 1.12
N ASP F 81 -17.88 -30.11 2.24
CA ASP F 81 -18.40 -29.73 3.54
C ASP F 81 -18.31 -28.21 3.68
N VAL F 82 -19.27 -27.53 3.05
CA VAL F 82 -19.28 -26.07 3.08
C VAL F 82 -19.51 -25.52 4.48
N SER F 83 -20.05 -26.34 5.38
CA SER F 83 -20.34 -25.86 6.73
C SER F 83 -19.08 -25.61 7.55
N GLN F 84 -17.95 -26.19 7.14
CA GLN F 84 -16.73 -26.11 7.94
C GLN F 84 -15.49 -25.72 7.15
N GLU F 85 -15.59 -25.65 5.82
CA GLU F 85 -14.44 -25.25 5.02
C GLU F 85 -14.18 -23.75 5.19
N VAL F 86 -12.99 -23.32 4.76
CA VAL F 86 -12.50 -21.97 4.99
C VAL F 86 -12.17 -21.32 3.66
N ARG F 87 -12.63 -20.09 3.45
CA ARG F 87 -12.44 -19.39 2.18
C ARG F 87 -12.29 -17.90 2.41
N LYS F 88 -11.78 -17.21 1.39
CA LYS F 88 -11.79 -15.77 1.34
C LYS F 88 -13.19 -15.27 0.97
N TYR F 89 -13.38 -13.94 1.06
CA TYR F 89 -14.71 -13.39 0.84
C TYR F 89 -14.62 -11.89 0.57
N PHE F 90 -15.63 -11.39 -0.14
CA PHE F 90 -15.85 -9.97 -0.36
C PHE F 90 -17.05 -9.51 0.47
N CYS F 91 -17.03 -8.25 0.89
CA CYS F 91 -18.19 -7.62 1.51
C CYS F 91 -18.68 -6.49 0.63
N THR F 92 -20.00 -6.38 0.52
CA THR F 92 -20.62 -5.39 -0.35
C THR F 92 -21.85 -4.76 0.27
N GLN G 1 -13.50 -44.38 -8.26
CA GLN G 1 -12.65 -44.61 -7.10
C GLN G 1 -11.48 -43.62 -7.05
N VAL G 2 -11.48 -42.76 -6.04
CA VAL G 2 -10.41 -41.80 -5.86
C VAL G 2 -9.20 -42.52 -5.30
N GLN G 3 -8.07 -42.45 -5.99
CA GLN G 3 -6.87 -43.17 -5.61
C GLN G 3 -5.66 -42.24 -5.53
N LEU G 4 -4.87 -42.42 -4.47
CA LEU G 4 -3.60 -41.71 -4.29
C LEU G 4 -2.54 -42.75 -3.99
N VAL G 5 -1.58 -42.91 -4.89
CA VAL G 5 -0.53 -43.92 -4.77
C VAL G 5 0.79 -43.17 -4.58
N GLU G 6 1.50 -43.50 -3.51
CA GLU G 6 2.73 -42.81 -3.16
C GLU G 6 3.94 -43.69 -3.45
N SER G 7 5.09 -43.02 -3.60
CA SER G 7 6.35 -43.70 -3.83
C SER G 7 7.48 -42.73 -3.50
N GLY G 8 8.70 -43.27 -3.52
CA GLY G 8 9.89 -42.47 -3.27
C GLY G 8 10.46 -42.59 -1.88
N GLY G 9 9.80 -43.30 -0.97
CA GLY G 9 10.33 -43.48 0.36
C GLY G 9 11.50 -44.45 0.38
N GLY G 10 12.29 -44.36 1.44
CA GLY G 10 13.43 -45.24 1.59
C GLY G 10 14.34 -44.75 2.70
N VAL G 11 15.50 -45.38 2.80
CA VAL G 11 16.50 -45.04 3.79
C VAL G 11 17.41 -43.95 3.21
N VAL G 12 17.67 -42.92 4.02
CA VAL G 12 18.46 -41.78 3.59
C VAL G 12 19.29 -41.29 4.76
N GLN G 13 20.51 -40.84 4.47
CA GLN G 13 21.43 -40.37 5.48
C GLN G 13 21.06 -38.95 5.92
N PRO G 14 21.38 -38.58 7.16
CA PRO G 14 21.11 -37.20 7.60
C PRO G 14 21.88 -36.20 6.75
N GLY G 15 21.22 -35.07 6.45
CA GLY G 15 21.78 -34.05 5.60
C GLY G 15 21.53 -34.26 4.13
N ARG G 16 21.08 -35.45 3.73
CA ARG G 16 20.86 -35.79 2.33
C ARG G 16 19.42 -35.44 1.94
N SER G 17 19.02 -35.83 0.73
CA SER G 17 17.74 -35.41 0.17
C SER G 17 16.94 -36.63 -0.27
N LEU G 18 15.62 -36.44 -0.31
CA LEU G 18 14.70 -37.47 -0.78
C LEU G 18 13.51 -36.76 -1.43
N ARG G 19 12.93 -37.41 -2.43
CA ARG G 19 11.81 -36.84 -3.17
C ARG G 19 10.66 -37.84 -3.19
N LEU G 20 9.52 -37.44 -2.64
CA LEU G 20 8.32 -38.26 -2.63
C LEU G 20 7.37 -37.85 -3.74
N SER G 21 6.62 -38.83 -4.26
CA SER G 21 5.63 -38.58 -5.30
C SER G 21 4.31 -39.20 -4.90
N CYS G 22 3.23 -38.64 -5.45
CA CYS G 22 1.87 -39.06 -5.13
C CYS G 22 1.05 -38.98 -6.42
N ALA G 23 0.71 -40.14 -6.98
CA ALA G 23 -0.04 -40.20 -8.23
C ALA G 23 -1.54 -40.25 -7.92
N ALA G 24 -2.28 -39.35 -8.55
CA ALA G 24 -3.71 -39.17 -8.30
C ALA G 24 -4.53 -39.64 -9.50
N SER G 25 -5.69 -40.22 -9.22
CA SER G 25 -6.59 -40.67 -10.26
C SER G 25 -8.01 -40.71 -9.70
N GLY G 26 -8.98 -40.55 -10.59
CA GLY G 26 -10.38 -40.64 -10.21
C GLY G 26 -11.05 -39.33 -9.84
N PHE G 27 -10.37 -38.20 -10.01
CA PHE G 27 -10.96 -36.90 -9.70
C PHE G 27 -10.22 -35.83 -10.48
N THR G 28 -10.80 -34.64 -10.52
CA THR G 28 -10.17 -33.49 -11.18
C THR G 28 -9.04 -33.01 -10.28
N PHE G 29 -7.81 -33.44 -10.60
CA PHE G 29 -6.67 -33.16 -9.75
C PHE G 29 -6.42 -31.66 -9.62
N SER G 30 -6.58 -30.92 -10.72
CA SER G 30 -6.24 -29.51 -10.74
C SER G 30 -7.20 -28.64 -9.92
N ARG G 31 -8.30 -29.20 -9.41
CA ARG G 31 -9.28 -28.43 -8.68
C ARG G 31 -9.16 -28.59 -7.16
N HIS G 32 -8.20 -29.36 -6.67
CA HIS G 32 -8.11 -29.68 -5.24
C HIS G 32 -6.73 -29.38 -4.71
N GLY G 33 -6.67 -28.67 -3.58
CA GLY G 33 -5.43 -28.55 -2.85
C GLY G 33 -4.99 -29.90 -2.29
N MET G 34 -3.68 -30.04 -2.13
CA MET G 34 -3.09 -31.31 -1.70
C MET G 34 -2.19 -31.06 -0.50
N HIS G 35 -2.11 -32.05 0.39
CA HIS G 35 -1.37 -31.93 1.63
C HIS G 35 -0.42 -33.10 1.79
N TRP G 36 0.62 -32.88 2.59
CA TRP G 36 1.45 -33.95 3.12
C TRP G 36 1.31 -33.97 4.64
N VAL G 37 1.15 -35.18 5.17
CA VAL G 37 1.02 -35.42 6.61
C VAL G 37 2.00 -36.53 6.96
N ARG G 38 2.64 -36.42 8.12
CA ARG G 38 3.58 -37.44 8.53
C ARG G 38 3.26 -37.94 9.93
N GLN G 39 3.72 -39.15 10.22
CA GLN G 39 3.46 -39.81 11.50
C GLN G 39 4.72 -40.55 11.93
N ALA G 40 5.40 -40.03 12.94
CA ALA G 40 6.56 -40.69 13.49
C ALA G 40 6.15 -42.01 14.14
N PRO G 41 7.06 -42.97 14.23
CA PRO G 41 6.72 -44.26 14.86
C PRO G 41 6.18 -44.07 16.26
N GLY G 42 4.96 -44.56 16.47
CA GLY G 42 4.31 -44.48 17.77
C GLY G 42 3.77 -43.13 18.16
N LYS G 43 3.65 -42.19 17.23
CA LYS G 43 3.20 -40.84 17.53
C LYS G 43 1.96 -40.51 16.69
N GLY G 44 1.47 -39.28 16.87
CA GLY G 44 0.27 -38.83 16.20
C GLY G 44 0.54 -38.22 14.84
N LEU G 45 -0.54 -37.78 14.21
CA LEU G 45 -0.46 -37.14 12.90
C LEU G 45 0.08 -35.72 13.03
N GLU G 46 0.96 -35.35 12.10
CA GLU G 46 1.50 -33.99 12.05
C GLU G 46 1.34 -33.47 10.63
N TRP G 47 0.62 -32.36 10.50
CA TRP G 47 0.48 -31.70 9.20
C TRP G 47 1.82 -31.09 8.81
N VAL G 48 2.21 -31.29 7.54
CA VAL G 48 3.50 -30.85 7.04
C VAL G 48 3.37 -29.64 6.12
N THR G 49 2.54 -29.75 5.08
CA THR G 49 2.53 -28.72 4.05
C THR G 49 1.27 -28.87 3.21
N VAL G 50 0.91 -27.77 2.53
CA VAL G 50 -0.21 -27.74 1.59
C VAL G 50 0.22 -26.97 0.35
N ILE G 51 -0.27 -27.40 -0.81
CA ILE G 51 -0.13 -26.65 -2.05
C ILE G 51 -1.52 -26.44 -2.64
N SER G 52 -1.78 -25.22 -3.10
CA SER G 52 -3.09 -24.87 -3.62
C SER G 52 -3.38 -25.65 -4.90
N TYR G 53 -4.67 -25.64 -5.29
CA TYR G 53 -5.12 -26.42 -6.44
C TYR G 53 -4.31 -26.08 -7.69
N ASP G 54 -3.98 -24.81 -7.89
CA ASP G 54 -3.24 -24.36 -9.06
C ASP G 54 -1.74 -24.32 -8.83
N GLY G 55 -1.26 -24.77 -7.67
CA GLY G 55 0.15 -24.83 -7.39
C GLY G 55 0.81 -23.50 -7.07
N ILE G 56 0.02 -22.45 -6.88
CA ILE G 56 0.58 -21.11 -6.68
C ILE G 56 0.93 -20.86 -5.21
N LYS G 57 0.05 -21.23 -4.28
CA LYS G 57 0.23 -20.95 -2.86
C LYS G 57 0.77 -22.19 -2.15
N LYS G 58 1.78 -22.00 -1.32
CA LYS G 58 2.37 -23.08 -0.53
C LYS G 58 2.57 -22.62 0.91
N TYR G 59 2.21 -23.50 1.86
CA TYR G 59 2.38 -23.22 3.27
C TYR G 59 3.01 -24.43 3.96
N TYR G 60 3.79 -24.16 5.00
CA TYR G 60 4.59 -25.19 5.66
C TYR G 60 4.48 -25.04 7.16
N THR G 61 4.58 -26.17 7.86
CA THR G 61 4.80 -26.13 9.29
C THR G 61 6.21 -25.61 9.57
N ASP G 62 6.40 -25.04 10.76
CA ASP G 62 7.63 -24.30 11.04
C ASP G 62 8.87 -25.19 10.95
N SER G 63 8.78 -26.42 11.45
CA SER G 63 9.95 -27.28 11.54
C SER G 63 10.51 -27.68 10.19
N VAL G 64 9.77 -27.47 9.10
CA VAL G 64 10.23 -27.86 7.76
C VAL G 64 10.41 -26.67 6.83
N LYS G 65 10.21 -25.44 7.30
CA LYS G 65 10.39 -24.28 6.44
C LYS G 65 11.85 -24.11 6.06
N GLY G 66 12.10 -23.92 4.76
CA GLY G 66 13.44 -23.84 4.23
C GLY G 66 14.04 -25.17 3.84
N ARG G 67 13.53 -26.27 4.37
CA ARG G 67 14.05 -27.59 4.07
C ARG G 67 13.16 -28.38 3.11
N PHE G 68 11.84 -28.27 3.26
CA PHE G 68 10.91 -28.99 2.40
C PHE G 68 10.30 -28.03 1.38
N THR G 69 10.03 -28.57 0.18
CA THR G 69 9.40 -27.81 -0.88
C THR G 69 8.34 -28.71 -1.52
N ILE G 70 7.09 -28.25 -1.51
CA ILE G 70 5.99 -28.99 -2.13
C ILE G 70 5.80 -28.45 -3.54
N SER G 71 5.38 -29.34 -4.44
CA SER G 71 5.13 -28.96 -5.83
C SER G 71 4.13 -29.93 -6.42
N ARG G 72 3.57 -29.55 -7.56
CA ARG G 72 2.57 -30.38 -8.23
C ARG G 72 2.68 -30.19 -9.73
N ASP G 73 2.24 -31.20 -10.47
CA ASP G 73 2.20 -31.17 -11.94
C ASP G 73 0.79 -31.55 -12.34
N ASN G 74 -0.01 -30.54 -12.70
CA ASN G 74 -1.43 -30.79 -12.96
C ASN G 74 -1.66 -31.55 -14.25
N SER G 75 -0.70 -31.56 -15.18
CA SER G 75 -0.87 -32.34 -16.39
C SER G 75 -0.55 -33.83 -16.20
N LYS G 76 0.28 -34.17 -15.21
CA LYS G 76 0.57 -35.56 -14.89
C LYS G 76 -0.24 -36.08 -13.70
N ASN G 77 -1.04 -35.24 -13.07
CA ASN G 77 -1.83 -35.60 -11.88
C ASN G 77 -0.93 -36.20 -10.80
N THR G 78 0.19 -35.53 -10.53
CA THR G 78 1.15 -36.00 -9.55
C THR G 78 1.52 -34.88 -8.59
N LEU G 79 1.69 -35.25 -7.32
CA LEU G 79 2.12 -34.35 -6.26
C LEU G 79 3.52 -34.74 -5.81
N TYR G 80 4.33 -33.74 -5.44
CA TYR G 80 5.71 -33.96 -5.07
C TYR G 80 6.02 -33.32 -3.73
N LEU G 81 6.97 -33.92 -3.01
CA LEU G 81 7.52 -33.34 -1.79
C LEU G 81 9.03 -33.50 -1.84
N GLN G 82 9.74 -32.41 -2.08
CA GLN G 82 11.20 -32.39 -2.08
C GLN G 82 11.69 -32.10 -0.67
N MET G 83 12.41 -33.04 -0.09
CA MET G 83 12.88 -32.95 1.30
C MET G 83 14.40 -32.82 1.29
N ASN G 84 14.91 -31.73 1.86
CA ASN G 84 16.33 -31.48 1.96
C ASN G 84 16.73 -31.29 3.42
N SER G 85 18.03 -31.46 3.68
CA SER G 85 18.60 -31.30 5.02
C SER G 85 17.86 -32.18 6.03
N LEU G 86 17.60 -33.42 5.64
CA LEU G 86 16.83 -34.33 6.49
C LEU G 86 17.56 -34.62 7.79
N ARG G 87 16.82 -34.59 8.89
CA ARG G 87 17.30 -34.95 10.21
C ARG G 87 16.64 -36.24 10.68
N PRO G 88 17.23 -36.93 11.66
CA PRO G 88 16.62 -38.18 12.14
C PRO G 88 15.19 -38.02 12.65
N ASP G 89 14.84 -36.87 13.20
CA ASP G 89 13.48 -36.66 13.70
C ASP G 89 12.45 -36.52 12.57
N ASP G 90 12.89 -36.47 11.32
CA ASP G 90 11.99 -36.51 10.17
C ASP G 90 11.59 -37.93 9.79
N THR G 91 12.08 -38.93 10.51
CA THR G 91 11.69 -40.31 10.25
C THR G 91 10.21 -40.49 10.57
N ALA G 92 9.44 -40.93 9.58
CA ALA G 92 7.99 -41.04 9.73
C ALA G 92 7.42 -41.73 8.50
N VAL G 93 6.16 -42.13 8.62
CA VAL G 93 5.34 -42.50 7.46
C VAL G 93 4.71 -41.23 6.92
N TYR G 94 4.90 -40.98 5.63
CA TYR G 94 4.39 -39.77 4.98
C TYR G 94 3.19 -40.13 4.13
N TYR G 95 2.10 -39.38 4.30
CA TYR G 95 0.88 -39.54 3.53
C TYR G 95 0.63 -38.28 2.70
N CYS G 96 0.16 -38.47 1.47
CA CYS G 96 -0.48 -37.37 0.76
C CYS G 96 -1.98 -37.46 0.98
N ALA G 97 -2.64 -36.30 0.95
CA ALA G 97 -4.06 -36.23 1.20
C ALA G 97 -4.68 -35.16 0.32
N ARG G 98 -5.95 -35.36 -0.03
CA ARG G 98 -6.69 -34.45 -0.89
C ARG G 98 -7.72 -33.68 -0.06
N GLN G 99 -7.71 -32.36 -0.19
CA GLN G 99 -8.82 -31.54 0.29
C GLN G 99 -10.08 -31.85 -0.52
N ASP G 100 -11.23 -31.93 0.16
CA ASP G 100 -12.46 -32.14 -0.59
C ASP G 100 -13.05 -30.85 -1.13
N CYS G 101 -12.68 -29.70 -0.56
CA CYS G 101 -13.16 -28.43 -1.09
C CYS G 101 -12.47 -28.10 -2.41
N GLY G 102 -13.19 -27.39 -3.27
CA GLY G 102 -12.70 -27.04 -4.59
C GLY G 102 -12.14 -25.63 -4.61
N GLY G 103 -11.07 -25.45 -5.40
CA GLY G 103 -10.51 -24.13 -5.58
C GLY G 103 -9.67 -23.68 -4.39
N ASP G 104 -9.62 -22.35 -4.22
CA ASP G 104 -8.79 -21.73 -3.18
C ASP G 104 -9.51 -21.83 -1.85
N CYS G 105 -9.06 -22.76 -0.99
CA CYS G 105 -9.75 -23.04 0.26
C CYS G 105 -8.86 -23.94 1.12
N PHE G 106 -9.29 -24.13 2.36
CA PHE G 106 -8.75 -25.17 3.23
C PHE G 106 -9.92 -25.95 3.81
N SER G 107 -9.77 -27.27 3.89
CA SER G 107 -10.85 -28.12 4.39
C SER G 107 -10.28 -29.46 4.81
N ARG G 108 -11.17 -30.35 5.22
CA ARG G 108 -10.82 -31.69 5.66
C ARG G 108 -10.27 -32.53 4.51
N PHE G 109 -9.56 -33.61 4.86
CA PHE G 109 -8.94 -34.50 3.89
C PHE G 109 -9.81 -35.74 3.75
N ASP G 110 -10.46 -35.89 2.59
CA ASP G 110 -11.37 -37.00 2.39
C ASP G 110 -10.73 -38.20 1.69
N SER G 111 -9.55 -38.04 1.10
CA SER G 111 -8.84 -39.15 0.46
C SER G 111 -7.39 -39.14 0.91
N TRP G 112 -6.89 -40.31 1.32
CA TRP G 112 -5.53 -40.47 1.80
C TRP G 112 -4.80 -41.52 0.98
N GLY G 113 -3.50 -41.29 0.78
CA GLY G 113 -2.66 -42.32 0.20
C GLY G 113 -2.33 -43.41 1.20
N GLN G 114 -1.71 -44.47 0.70
CA GLN G 114 -1.34 -45.59 1.56
C GLN G 114 -0.13 -45.29 2.44
N GLY G 115 0.58 -44.19 2.19
CA GLY G 115 1.73 -43.84 3.00
C GLY G 115 3.00 -44.45 2.47
N THR G 116 4.11 -43.75 2.73
CA THR G 116 5.44 -44.24 2.35
C THR G 116 6.41 -43.94 3.48
N LEU G 117 7.26 -44.93 3.80
CA LEU G 117 8.15 -44.83 4.94
C LEU G 117 9.43 -44.11 4.55
N VAL G 118 9.84 -43.17 5.40
CA VAL G 118 11.09 -42.43 5.23
C VAL G 118 11.88 -42.59 6.53
N THR G 119 13.07 -43.18 6.41
CA THR G 119 13.94 -43.42 7.55
C THR G 119 15.23 -42.63 7.36
N VAL G 120 15.51 -41.72 8.28
CA VAL G 120 16.70 -40.89 8.24
C VAL G 120 17.66 -41.42 9.29
N SER G 121 18.76 -42.00 8.84
CA SER G 121 19.71 -42.64 9.75
C SER G 121 21.07 -42.76 9.08
N SER G 122 22.12 -42.68 9.89
CA SER G 122 23.46 -42.92 9.40
C SER G 122 23.82 -44.41 9.44
N ALA G 123 22.93 -45.27 9.92
CA ALA G 123 23.23 -46.68 10.01
C ALA G 123 23.22 -47.34 8.63
N SER G 124 24.05 -48.38 8.49
CA SER G 124 24.12 -49.19 7.29
C SER G 124 23.37 -50.50 7.51
N THR G 125 23.01 -51.13 6.39
CA THR G 125 22.23 -52.37 6.45
C THR G 125 23.00 -53.45 7.23
N LYS G 126 22.31 -54.09 8.17
CA LYS G 126 22.92 -55.10 9.01
C LYS G 126 21.87 -56.14 9.41
N GLY G 127 22.20 -57.41 9.25
CA GLY G 127 21.35 -58.49 9.70
C GLY G 127 21.41 -58.66 11.20
N PRO G 128 20.36 -59.22 11.79
CA PRO G 128 20.29 -59.30 13.26
C PRO G 128 21.09 -60.44 13.84
N SER G 129 21.50 -60.25 15.09
CA SER G 129 21.95 -61.35 15.94
C SER G 129 20.74 -61.85 16.73
N VAL G 130 20.59 -63.18 16.79
CA VAL G 130 19.45 -63.79 17.46
C VAL G 130 19.97 -64.57 18.66
N PHE G 131 19.51 -64.18 19.86
CA PHE G 131 19.87 -64.84 21.10
C PHE G 131 18.66 -65.53 21.71
N PRO G 132 18.85 -66.63 22.42
CA PRO G 132 17.70 -67.33 22.99
C PRO G 132 17.23 -66.68 24.28
N LEU G 133 15.92 -66.75 24.50
CA LEU G 133 15.28 -66.44 25.78
C LEU G 133 14.83 -67.79 26.32
N ALA G 134 15.74 -68.47 27.01
CA ALA G 134 15.56 -69.87 27.37
C ALA G 134 14.58 -70.02 28.53
N PRO G 135 13.67 -70.99 28.46
CA PRO G 135 12.81 -71.29 29.60
C PRO G 135 13.59 -71.94 30.73
N SER G 136 13.08 -71.79 31.95
CA SER G 136 13.81 -72.25 33.14
C SER G 136 13.84 -73.77 33.27
N SER G 137 12.96 -74.49 32.56
CA SER G 137 12.91 -75.95 32.55
C SER G 137 12.37 -76.52 33.86
N LYS G 138 12.23 -75.66 34.87
CA LYS G 138 11.56 -76.00 36.13
C LYS G 138 10.52 -74.89 36.30
N SER G 139 9.31 -75.12 35.80
CA SER G 139 8.31 -74.06 35.72
C SER G 139 7.98 -73.52 37.10
N THR G 140 7.98 -72.20 37.22
CA THR G 140 7.54 -71.50 38.42
C THR G 140 6.31 -70.64 38.14
N SER G 141 5.54 -70.98 37.11
CA SER G 141 4.45 -70.15 36.62
C SER G 141 3.19 -70.97 36.39
N GLY G 142 2.86 -71.86 37.33
CA GLY G 142 1.60 -72.58 37.25
C GLY G 142 1.53 -73.64 36.17
N GLY G 143 2.68 -74.11 35.68
CA GLY G 143 2.69 -75.10 34.62
C GLY G 143 2.80 -74.53 33.23
N THR G 144 2.82 -73.21 33.09
CA THR G 144 3.06 -72.55 31.81
C THR G 144 4.51 -72.07 31.75
N ALA G 145 5.17 -72.35 30.64
CA ALA G 145 6.53 -71.90 30.39
C ALA G 145 6.53 -70.83 29.31
N ALA G 146 7.49 -69.91 29.40
CA ALA G 146 7.69 -68.87 28.40
C ALA G 146 9.09 -69.00 27.82
N LEU G 147 9.18 -68.85 26.50
CA LEU G 147 10.47 -68.91 25.82
C LEU G 147 10.40 -67.93 24.64
N GLY G 148 11.55 -67.61 24.08
CA GLY G 148 11.55 -66.66 22.99
C GLY G 148 12.92 -66.47 22.38
N CYS G 149 13.00 -65.47 21.52
CA CYS G 149 14.21 -65.06 20.84
C CYS G 149 14.37 -63.56 20.95
N LEU G 150 15.59 -63.13 21.24
CA LEU G 150 15.96 -61.72 21.25
C LEU G 150 16.65 -61.40 19.93
N VAL G 151 15.97 -60.64 19.08
CA VAL G 151 16.45 -60.26 17.76
C VAL G 151 17.08 -58.87 17.89
N LYS G 152 18.40 -58.80 17.91
CA LYS G 152 19.11 -57.60 18.33
C LYS G 152 19.99 -57.05 17.23
N ASP G 153 20.04 -55.71 17.15
CA ASP G 153 21.01 -54.96 16.34
C ASP G 153 20.87 -55.27 14.84
N TYR G 154 19.73 -54.87 14.28
CA TYR G 154 19.52 -54.95 12.84
C TYR G 154 19.08 -53.61 12.28
N PHE G 155 19.30 -53.43 10.97
CA PHE G 155 18.90 -52.21 10.29
C PHE G 155 18.78 -52.50 8.80
N PRO G 156 17.75 -51.96 8.11
CA PRO G 156 16.64 -51.20 8.65
C PRO G 156 15.50 -52.14 9.01
N GLU G 157 14.34 -51.62 9.40
CA GLU G 157 13.16 -52.42 9.54
C GLU G 157 12.70 -52.88 8.15
N PRO G 158 11.91 -53.97 8.07
CA PRO G 158 11.39 -54.80 9.15
C PRO G 158 12.05 -56.17 9.29
N VAL G 159 11.69 -56.86 10.36
CA VAL G 159 12.06 -58.26 10.59
C VAL G 159 10.77 -59.02 10.83
N THR G 160 10.64 -60.19 10.19
CA THR G 160 9.53 -61.10 10.46
C THR G 160 10.04 -62.29 11.26
N VAL G 161 9.24 -62.72 12.24
CA VAL G 161 9.57 -63.84 13.10
C VAL G 161 8.44 -64.86 13.02
N SER G 162 8.80 -66.13 12.85
CA SER G 162 7.86 -67.24 12.97
C SER G 162 8.45 -68.27 13.92
N TRP G 163 7.63 -69.25 14.30
CA TRP G 163 8.07 -70.32 15.19
C TRP G 163 7.80 -71.67 14.56
N ASN G 164 8.81 -72.54 14.58
CA ASN G 164 8.74 -73.88 14.00
C ASN G 164 8.27 -73.82 12.55
N SER G 165 8.88 -72.90 11.80
CA SER G 165 8.57 -72.69 10.38
C SER G 165 7.09 -72.38 10.17
N GLY G 166 6.50 -71.64 11.11
CA GLY G 166 5.11 -71.27 11.04
C GLY G 166 4.13 -72.30 11.58
N ALA G 167 4.61 -73.43 12.11
CA ALA G 167 3.71 -74.42 12.66
C ALA G 167 3.16 -74.00 14.01
N LEU G 168 3.89 -73.18 14.76
CA LEU G 168 3.49 -72.73 16.08
C LEU G 168 3.07 -71.26 15.98
N THR G 169 1.77 -71.01 16.07
CA THR G 169 1.23 -69.67 16.00
C THR G 169 0.44 -69.25 17.23
N SER G 170 -0.12 -70.20 17.98
CA SER G 170 -0.93 -69.88 19.15
C SER G 170 -0.04 -69.46 20.31
N GLY G 171 -0.39 -68.35 20.95
CA GLY G 171 0.37 -67.86 22.08
C GLY G 171 1.64 -67.11 21.73
N VAL G 172 1.84 -66.77 20.46
CA VAL G 172 3.04 -66.07 20.01
C VAL G 172 2.81 -64.57 20.11
N HIS G 173 3.76 -63.87 20.71
CA HIS G 173 3.75 -62.40 20.76
C HIS G 173 5.08 -61.90 20.21
N THR G 174 5.03 -61.25 19.05
CA THR G 174 6.19 -60.58 18.48
C THR G 174 6.02 -59.08 18.71
N PHE G 175 6.87 -58.51 19.53
CA PHE G 175 6.72 -57.13 19.96
C PHE G 175 7.23 -56.16 18.90
N PRO G 176 6.69 -54.94 18.87
CA PRO G 176 7.22 -53.92 17.96
C PRO G 176 8.69 -53.66 18.25
N ALA G 177 9.44 -53.39 17.18
CA ALA G 177 10.85 -53.08 17.34
C ALA G 177 11.02 -51.77 18.10
N VAL G 178 12.14 -51.67 18.82
CA VAL G 178 12.53 -50.43 19.45
C VAL G 178 13.83 -49.96 18.81
N LEU G 179 14.00 -48.64 18.74
CA LEU G 179 15.22 -48.05 18.23
C LEU G 179 16.16 -47.80 19.40
N GLN G 180 17.30 -48.49 19.39
CA GLN G 180 18.28 -48.31 20.44
C GLN G 180 19.09 -47.05 20.20
N SER G 181 19.79 -46.59 21.24
CA SER G 181 20.58 -45.36 21.13
C SER G 181 21.71 -45.50 20.12
N SER G 182 22.15 -46.72 19.83
CA SER G 182 23.18 -46.94 18.82
C SER G 182 22.69 -46.67 17.40
N GLY G 183 21.37 -46.61 17.19
CA GLY G 183 20.82 -46.47 15.87
C GLY G 183 20.36 -47.79 15.25
N LEU G 184 20.60 -48.92 15.91
CA LEU G 184 20.13 -50.20 15.42
C LEU G 184 18.85 -50.61 16.14
N TYR G 185 18.02 -51.38 15.46
CA TYR G 185 16.75 -51.81 16.03
C TYR G 185 16.91 -53.10 16.80
N SER G 186 16.00 -53.32 17.75
CA SER G 186 15.94 -54.56 18.51
C SER G 186 14.48 -54.95 18.70
N LEU G 187 14.24 -56.25 18.78
CA LEU G 187 12.90 -56.79 18.84
C LEU G 187 12.94 -58.11 19.59
N SER G 188 11.85 -58.44 20.28
CA SER G 188 11.71 -59.71 20.96
C SER G 188 10.44 -60.40 20.47
N SER G 189 10.51 -61.73 20.39
CA SER G 189 9.35 -62.58 20.10
C SER G 189 9.31 -63.70 21.13
N VAL G 190 8.15 -63.88 21.75
CA VAL G 190 7.99 -64.86 22.83
C VAL G 190 6.79 -65.74 22.52
N VAL G 191 6.75 -66.89 23.18
CA VAL G 191 5.62 -67.80 23.10
C VAL G 191 5.46 -68.50 24.45
N THR G 192 4.22 -68.72 24.85
CA THR G 192 3.92 -69.49 26.06
C THR G 192 3.43 -70.88 25.65
N VAL G 193 4.04 -71.90 26.21
CA VAL G 193 3.70 -73.30 25.94
C VAL G 193 3.55 -74.02 27.28
N PRO G 194 2.84 -75.15 27.29
CA PRO G 194 2.80 -75.97 28.50
C PRO G 194 4.21 -76.37 28.91
N SER G 195 4.47 -76.36 30.22
CA SER G 195 5.80 -76.71 30.71
C SER G 195 6.13 -78.18 30.43
N SER G 196 5.11 -79.03 30.33
CA SER G 196 5.35 -80.42 29.96
C SER G 196 5.91 -80.53 28.54
N SER G 197 5.62 -79.54 27.69
CA SER G 197 6.11 -79.56 26.32
C SER G 197 7.60 -79.28 26.21
N LEU G 198 8.23 -78.81 27.28
CA LEU G 198 9.65 -78.47 27.20
C LEU G 198 10.50 -79.71 26.94
N GLY G 199 10.05 -80.87 27.41
CA GLY G 199 10.78 -82.10 27.21
C GLY G 199 10.51 -82.78 25.89
N THR G 200 9.35 -82.53 25.28
CA THR G 200 8.94 -83.24 24.07
C THR G 200 9.10 -82.40 22.80
N GLN G 201 8.64 -81.15 22.82
CA GLN G 201 8.65 -80.30 21.64
C GLN G 201 9.98 -79.59 21.46
N THR G 202 10.38 -79.41 20.21
CA THR G 202 11.53 -78.59 19.85
C THR G 202 11.01 -77.23 19.38
N TYR G 203 11.64 -76.15 19.86
CA TYR G 203 11.22 -74.79 19.54
C TYR G 203 12.32 -74.05 18.81
N ILE G 204 12.01 -73.56 17.61
CA ILE G 204 12.94 -72.85 16.77
C ILE G 204 12.27 -71.56 16.30
N CYS G 205 12.92 -70.42 16.50
CA CYS G 205 12.43 -69.18 15.94
C CYS G 205 13.13 -68.91 14.61
N ASN G 206 12.35 -68.47 13.63
CA ASN G 206 12.83 -68.21 12.28
C ASN G 206 12.74 -66.71 12.03
N VAL G 207 13.90 -66.06 11.97
CA VAL G 207 14.00 -64.61 11.85
C VAL G 207 14.43 -64.26 10.44
N ASN G 208 13.56 -63.58 9.69
CA ASN G 208 13.83 -63.18 8.32
C ASN G 208 14.06 -61.68 8.25
N HIS G 209 15.18 -61.29 7.63
CA HIS G 209 15.54 -59.88 7.44
C HIS G 209 15.80 -59.66 5.96
N LYS G 210 14.73 -59.39 5.20
CA LYS G 210 14.86 -59.20 3.75
C LYS G 210 15.84 -58.11 3.35
N PRO G 211 15.92 -56.95 4.01
CA PRO G 211 16.87 -55.92 3.55
C PRO G 211 18.31 -56.40 3.48
N SER G 212 18.72 -57.35 4.32
CA SER G 212 20.08 -57.89 4.24
C SER G 212 20.11 -59.28 3.62
N ASN G 213 18.98 -59.77 3.12
CA ASN G 213 18.89 -61.11 2.55
C ASN G 213 19.41 -62.17 3.53
N THR G 214 19.08 -61.98 4.81
CA THR G 214 19.52 -62.86 5.88
C THR G 214 18.32 -63.54 6.53
N LYS G 215 18.46 -64.83 6.81
CA LYS G 215 17.51 -65.59 7.60
C LYS G 215 18.27 -66.34 8.68
N VAL G 216 17.77 -66.29 9.91
CA VAL G 216 18.40 -66.96 11.05
C VAL G 216 17.40 -67.91 11.68
N ASP G 217 17.84 -69.14 11.94
CA ASP G 217 17.04 -70.12 12.66
C ASP G 217 17.77 -70.41 13.97
N LYS G 218 17.10 -70.18 15.09
CA LYS G 218 17.69 -70.35 16.41
C LYS G 218 16.84 -71.33 17.21
N LYS G 219 17.45 -72.45 17.60
CA LYS G 219 16.75 -73.41 18.46
C LYS G 219 16.85 -72.93 19.90
N VAL G 220 15.70 -72.76 20.55
CA VAL G 220 15.64 -72.29 21.92
C VAL G 220 15.40 -73.51 22.80
N GLU G 221 16.41 -73.91 23.52
CA GLU G 221 16.27 -75.09 24.36
C GLU G 221 16.33 -74.74 25.84
N PRO G 222 15.71 -75.56 26.70
CA PRO G 222 15.75 -75.28 28.14
C PRO G 222 17.16 -75.39 28.71
N LYS G 223 17.37 -74.67 29.81
CA LYS G 223 18.64 -74.71 30.53
C LYS G 223 18.92 -76.10 31.07
N ASP H 1 1.76 -19.49 20.82
CA ASP H 1 1.71 -20.90 20.44
C ASP H 1 0.40 -21.53 20.92
N ILE H 2 -0.26 -22.26 20.02
CA ILE H 2 -1.51 -22.94 20.34
C ILE H 2 -1.22 -24.34 20.83
N GLN H 3 -1.73 -24.67 22.01
CA GLN H 3 -1.64 -26.01 22.56
C GLN H 3 -3.01 -26.68 22.44
N MET H 4 -3.01 -27.93 22.01
CA MET H 4 -4.22 -28.71 21.81
C MET H 4 -4.16 -29.98 22.63
N THR H 5 -5.17 -30.22 23.44
CA THR H 5 -5.27 -31.41 24.27
C THR H 5 -6.59 -32.09 23.97
N GLN H 6 -6.59 -33.42 24.01
CA GLN H 6 -7.80 -34.20 23.83
C GLN H 6 -8.13 -34.94 25.11
N SER H 7 -9.36 -34.75 25.58
CA SER H 7 -9.82 -35.34 26.84
C SER H 7 -10.93 -36.33 26.54
N PRO H 8 -10.78 -37.61 26.92
CA PRO H 8 -9.60 -38.19 27.56
C PRO H 8 -8.51 -38.47 26.54
N SER H 9 -7.23 -38.54 26.94
CA SER H 9 -6.20 -38.96 26.00
C SER H 9 -6.32 -40.46 25.70
N THR H 10 -6.86 -41.22 26.66
CA THR H 10 -7.13 -42.63 26.48
C THR H 10 -8.40 -42.97 27.23
N LEU H 11 -9.16 -43.94 26.70
CA LEU H 11 -10.36 -44.37 27.40
C LEU H 11 -10.70 -45.79 26.97
N SER H 12 -11.27 -46.54 27.90
CA SER H 12 -11.75 -47.88 27.64
C SER H 12 -13.28 -47.87 27.67
N ALA H 13 -13.89 -48.62 26.75
CA ALA H 13 -15.33 -48.63 26.64
C ALA H 13 -15.80 -49.96 26.07
N SER H 14 -17.05 -50.28 26.32
CA SER H 14 -17.69 -51.50 25.83
C SER H 14 -18.47 -51.21 24.55
N VAL H 15 -18.80 -52.29 23.84
CA VAL H 15 -19.62 -52.17 22.63
C VAL H 15 -21.02 -51.74 23.03
N GLY H 16 -21.50 -50.64 22.44
CA GLY H 16 -22.81 -50.11 22.74
C GLY H 16 -22.81 -48.86 23.61
N ASP H 17 -21.65 -48.39 24.06
CA ASP H 17 -21.62 -47.21 24.90
C ASP H 17 -21.68 -45.94 24.05
N ARG H 18 -22.04 -44.84 24.69
CA ARG H 18 -22.02 -43.52 24.07
C ARG H 18 -20.70 -42.86 24.47
N VAL H 19 -19.84 -42.61 23.49
CA VAL H 19 -18.49 -42.11 23.72
C VAL H 19 -18.44 -40.63 23.33
N THR H 20 -17.83 -39.83 24.18
CA THR H 20 -17.61 -38.41 23.90
C THR H 20 -16.12 -38.12 24.00
N ILE H 21 -15.57 -37.53 22.95
CA ILE H 21 -14.16 -37.14 22.90
C ILE H 21 -14.08 -35.65 22.66
N THR H 22 -13.42 -34.94 23.55
CA THR H 22 -13.30 -33.49 23.49
C THR H 22 -11.88 -33.12 23.10
N CYS H 23 -11.74 -32.07 22.29
CA CYS H 23 -10.46 -31.62 21.78
C CYS H 23 -10.43 -30.10 21.93
N ARG H 24 -9.56 -29.60 22.79
CA ARG H 24 -9.56 -28.21 23.22
C ARG H 24 -8.35 -27.49 22.62
N ALA H 25 -8.43 -26.16 22.62
CA ALA H 25 -7.35 -25.31 22.13
C ALA H 25 -7.10 -24.22 23.16
N SER H 26 -5.91 -23.60 23.08
CA SER H 26 -5.55 -22.61 24.09
C SER H 26 -6.35 -21.33 23.92
N GLN H 27 -6.78 -21.02 22.70
CA GLN H 27 -7.61 -19.85 22.45
C GLN H 27 -8.50 -20.16 21.24
N SER H 28 -9.23 -19.15 20.79
CA SER H 28 -10.12 -19.30 19.65
C SER H 28 -9.35 -19.56 18.36
N ILE H 29 -9.74 -20.61 17.64
CA ILE H 29 -9.12 -20.99 16.38
C ILE H 29 -10.11 -20.70 15.27
N SER H 30 -9.58 -20.58 14.05
CA SER H 30 -10.40 -20.19 12.90
C SER H 30 -11.59 -21.13 12.70
N SER H 31 -11.32 -22.43 12.51
CA SER H 31 -12.40 -23.36 12.22
C SER H 31 -11.97 -24.78 12.53
N TRP H 32 -12.83 -25.52 13.24
CA TRP H 32 -12.65 -26.95 13.40
C TRP H 32 -13.11 -27.65 12.13
N LEU H 33 -12.28 -28.58 11.63
CA LEU H 33 -12.50 -29.17 10.32
C LEU H 33 -13.16 -30.55 10.39
N ALA H 34 -12.55 -31.48 11.11
CA ALA H 34 -13.03 -32.87 11.02
C ALA H 34 -12.43 -33.70 12.15
N TRP H 35 -12.93 -34.93 12.25
CA TRP H 35 -12.36 -35.98 13.09
C TRP H 35 -11.92 -37.12 12.20
N TYR H 36 -10.86 -37.80 12.60
CA TYR H 36 -10.29 -38.89 11.83
C TYR H 36 -10.10 -40.11 12.70
N GLN H 37 -10.28 -41.29 12.10
CA GLN H 37 -10.14 -42.56 12.77
C GLN H 37 -8.99 -43.34 12.12
N GLN H 38 -8.05 -43.80 12.94
CA GLN H 38 -6.91 -44.53 12.44
C GLN H 38 -6.69 -45.80 13.25
N LYS H 39 -6.58 -46.91 12.57
CA LYS H 39 -6.24 -48.23 13.09
C LYS H 39 -4.77 -48.54 12.83
N PRO H 40 -4.14 -49.37 13.66
CA PRO H 40 -2.71 -49.61 13.51
C PRO H 40 -2.35 -50.14 12.12
N GLY H 41 -1.32 -49.56 11.52
CA GLY H 41 -0.84 -49.98 10.22
C GLY H 41 -1.59 -49.41 9.04
N LYS H 42 -2.64 -48.62 9.26
CA LYS H 42 -3.49 -48.14 8.19
C LYS H 42 -3.52 -46.61 8.16
N ALA H 43 -3.85 -46.08 6.99
CA ALA H 43 -3.99 -44.65 6.84
C ALA H 43 -5.22 -44.13 7.57
N PRO H 44 -5.22 -42.88 8.02
CA PRO H 44 -6.39 -42.33 8.70
C PRO H 44 -7.59 -42.28 7.77
N LYS H 45 -8.77 -42.35 8.37
CA LYS H 45 -10.04 -42.34 7.65
C LYS H 45 -10.90 -41.19 8.17
N LEU H 46 -11.40 -40.38 7.25
CA LEU H 46 -12.28 -39.28 7.61
C LEU H 46 -13.62 -39.80 8.13
N LEU H 47 -14.10 -39.22 9.23
CA LEU H 47 -15.40 -39.56 9.77
C LEU H 47 -16.45 -38.58 9.22
N MET H 48 -17.51 -39.12 8.63
CA MET H 48 -18.59 -38.32 8.09
C MET H 48 -19.87 -38.57 8.88
N TYR H 49 -20.64 -37.51 9.10
CA TYR H 49 -21.79 -37.58 10.00
C TYR H 49 -23.08 -37.74 9.21
N PRO H 59 -28.70 -39.51 10.53
CA PRO H 59 -27.87 -40.61 10.02
C PRO H 59 -26.48 -40.65 10.64
N SER H 60 -25.84 -41.83 10.54
CA SER H 60 -24.49 -42.08 11.04
C SER H 60 -24.42 -42.05 12.57
N ARG H 61 -23.48 -42.80 13.14
CA ARG H 61 -23.29 -42.82 14.58
C ARG H 61 -22.35 -41.73 15.07
N PHE H 62 -21.72 -40.99 14.16
CA PHE H 62 -20.75 -39.96 14.53
C PHE H 62 -21.38 -38.59 14.44
N SER H 63 -21.03 -37.72 15.40
CA SER H 63 -21.61 -36.39 15.50
C SER H 63 -20.57 -35.43 16.04
N GLY H 64 -20.50 -34.24 15.45
CA GLY H 64 -19.55 -33.22 15.84
C GLY H 64 -20.21 -32.00 16.45
N SER H 65 -19.51 -31.36 17.39
CA SER H 65 -20.01 -30.17 18.06
C SER H 65 -18.83 -29.22 18.30
N GLY H 66 -18.84 -28.08 17.62
CA GLY H 66 -17.74 -27.14 17.73
C GLY H 66 -18.15 -25.78 18.25
N SER H 67 -17.53 -25.35 19.35
CA SER H 67 -17.87 -24.09 20.01
C SER H 67 -16.61 -23.25 20.25
N GLY H 68 -15.89 -22.98 19.16
CA GLY H 68 -14.77 -22.06 19.23
C GLY H 68 -13.48 -22.66 19.75
N THR H 69 -13.37 -22.77 21.08
CA THR H 69 -12.18 -23.36 21.67
C THR H 69 -12.32 -24.87 21.91
N GLU H 70 -13.52 -25.43 21.76
CA GLU H 70 -13.75 -26.83 22.07
C GLU H 70 -14.42 -27.53 20.89
N PHE H 71 -13.97 -28.74 20.60
CA PHE H 71 -14.49 -29.58 19.53
C PHE H 71 -14.79 -30.96 20.09
N THR H 72 -15.98 -31.48 19.82
CA THR H 72 -16.43 -32.73 20.43
C THR H 72 -16.88 -33.71 19.36
N LEU H 73 -16.46 -34.96 19.52
CA LEU H 73 -16.93 -36.08 18.72
C LEU H 73 -17.81 -36.97 19.59
N THR H 74 -18.94 -37.39 19.03
CA THR H 74 -19.90 -38.23 19.74
C THR H 74 -20.13 -39.51 18.96
N ILE H 75 -19.94 -40.65 19.63
CA ILE H 75 -20.25 -41.96 19.07
C ILE H 75 -21.48 -42.46 19.82
N SER H 76 -22.65 -42.38 19.17
CA SER H 76 -23.90 -42.67 19.86
C SER H 76 -23.95 -44.13 20.32
N SER H 77 -23.44 -45.04 19.50
CA SER H 77 -23.41 -46.46 19.83
C SER H 77 -22.10 -47.03 19.26
N LEU H 78 -21.25 -47.54 20.15
CA LEU H 78 -19.92 -47.96 19.75
C LEU H 78 -19.97 -49.36 19.14
N GLN H 79 -19.39 -49.50 17.97
CA GLN H 79 -19.33 -50.79 17.30
C GLN H 79 -17.96 -51.41 17.44
N PRO H 80 -17.84 -52.73 17.23
CA PRO H 80 -16.51 -53.37 17.30
C PRO H 80 -15.52 -52.83 16.28
N ASP H 81 -16.00 -52.11 15.26
CA ASP H 81 -15.16 -51.49 14.26
C ASP H 81 -14.54 -50.17 14.71
N ASP H 82 -14.98 -49.62 15.84
CA ASP H 82 -14.60 -48.28 16.26
C ASP H 82 -13.43 -48.23 17.24
N PHE H 83 -12.81 -49.36 17.54
CA PHE H 83 -11.68 -49.38 18.45
C PHE H 83 -10.43 -48.97 17.67
N ALA H 84 -9.99 -47.73 17.87
CA ALA H 84 -8.91 -47.12 17.08
C ALA H 84 -8.48 -45.86 17.81
N THR H 85 -7.66 -45.05 17.14
CA THR H 85 -7.26 -43.75 17.65
C THR H 85 -7.95 -42.67 16.84
N TYR H 86 -8.38 -41.61 17.52
CA TYR H 86 -9.15 -40.53 16.92
C TYR H 86 -8.40 -39.21 17.04
N TYR H 87 -8.37 -38.45 15.95
CA TYR H 87 -7.67 -37.18 15.89
C TYR H 87 -8.62 -36.08 15.44
N CYS H 88 -8.63 -34.96 16.16
CA CYS H 88 -9.29 -33.77 15.64
C CYS H 88 -8.38 -33.03 14.68
N GLN H 89 -8.97 -32.13 13.89
CA GLN H 89 -8.21 -31.31 12.96
C GLN H 89 -8.83 -29.93 12.90
N GLN H 90 -7.99 -28.90 12.78
CA GLN H 90 -8.46 -27.53 12.73
C GLN H 90 -7.57 -26.72 11.78
N TYR H 91 -8.13 -25.63 11.27
CA TYR H 91 -7.40 -24.64 10.52
C TYR H 91 -7.24 -23.38 11.36
N ASN H 92 -6.06 -22.76 11.30
CA ASN H 92 -5.85 -21.47 11.96
C ASN H 92 -4.63 -20.80 11.35
N SER H 93 -4.85 -19.62 10.76
CA SER H 93 -3.78 -18.75 10.26
C SER H 93 -2.80 -19.51 9.35
N TYR H 94 -3.34 -19.95 8.21
CA TYR H 94 -2.54 -20.55 7.14
C TYR H 94 -1.82 -21.80 7.58
N SER H 95 -2.43 -22.57 8.47
CA SER H 95 -1.87 -23.85 8.88
C SER H 95 -2.99 -24.76 9.36
N LEU H 96 -2.72 -26.06 9.32
CA LEU H 96 -3.63 -27.07 9.84
C LEU H 96 -2.92 -27.83 10.95
N THR H 97 -3.69 -28.30 11.92
CA THR H 97 -3.12 -28.97 13.08
C THR H 97 -4.03 -30.11 13.50
N PHE H 98 -3.45 -31.28 13.72
CA PHE H 98 -4.16 -32.40 14.31
C PHE H 98 -3.96 -32.38 15.82
N GLY H 99 -4.97 -32.88 16.53
CA GLY H 99 -4.89 -33.04 17.97
C GLY H 99 -3.99 -34.19 18.34
N PRO H 100 -3.63 -34.29 19.63
CA PRO H 100 -2.72 -35.34 20.07
C PRO H 100 -3.26 -36.75 19.89
N GLY H 101 -4.57 -36.93 19.83
CA GLY H 101 -5.13 -38.24 19.59
C GLY H 101 -5.70 -38.87 20.84
N THR H 102 -6.72 -39.71 20.65
CA THR H 102 -7.38 -40.44 21.73
C THR H 102 -7.53 -41.89 21.30
N LYS H 103 -6.98 -42.81 22.09
CA LYS H 103 -7.06 -44.23 21.79
C LYS H 103 -8.23 -44.84 22.55
N VAL H 104 -9.10 -45.55 21.83
CA VAL H 104 -10.26 -46.21 22.39
C VAL H 104 -10.07 -47.72 22.23
N ASP H 105 -10.00 -48.42 23.36
CA ASP H 105 -9.79 -49.87 23.33
C ASP H 105 -10.97 -50.56 24.00
N LEU H 106 -10.99 -51.89 23.86
CA LEU H 106 -12.10 -52.71 24.30
C LEU H 106 -11.95 -53.08 25.77
N LYS H 107 -13.00 -52.81 26.55
CA LYS H 107 -12.97 -53.12 27.96
C LYS H 107 -13.13 -54.61 28.18
N ARG H 108 -12.44 -55.13 29.18
CA ARG H 108 -12.58 -56.50 29.64
C ARG H 108 -12.19 -56.54 31.11
N THR H 109 -12.03 -57.75 31.64
CA THR H 109 -11.63 -57.92 33.03
C THR H 109 -10.21 -57.43 33.27
N VAL H 110 -9.99 -56.97 34.50
CA VAL H 110 -8.64 -56.83 34.98
C VAL H 110 -8.01 -58.21 34.95
N ALA H 111 -6.79 -58.30 34.44
CA ALA H 111 -6.06 -59.55 34.37
C ALA H 111 -4.63 -59.28 34.82
N ALA H 112 -4.20 -59.99 35.85
CA ALA H 112 -2.82 -59.85 36.30
C ALA H 112 -1.88 -60.48 35.28
N PRO H 113 -0.76 -59.84 34.96
CA PRO H 113 0.17 -60.41 33.99
C PRO H 113 0.84 -61.66 34.54
N SER H 114 1.11 -62.60 33.63
CA SER H 114 2.08 -63.65 33.92
C SER H 114 3.46 -63.06 33.67
N VAL H 115 4.30 -63.04 34.71
CA VAL H 115 5.56 -62.32 34.68
C VAL H 115 6.70 -63.33 34.57
N PHE H 116 7.51 -63.18 33.53
CA PHE H 116 8.68 -64.02 33.32
C PHE H 116 9.90 -63.13 33.17
N ILE H 117 11.03 -63.57 33.71
CA ILE H 117 12.28 -62.84 33.61
C ILE H 117 13.33 -63.78 33.02
N PHE H 118 14.06 -63.29 32.01
CA PHE H 118 15.07 -64.06 31.32
C PHE H 118 16.44 -63.43 31.58
N PRO H 119 17.39 -64.16 32.14
CA PRO H 119 18.76 -63.66 32.20
C PRO H 119 19.37 -63.60 30.81
N PRO H 120 20.41 -62.81 30.60
CA PRO H 120 21.07 -62.80 29.29
C PRO H 120 21.64 -64.16 28.97
N SER H 121 21.60 -64.51 27.69
CA SER H 121 22.16 -65.79 27.27
C SER H 121 23.68 -65.78 27.41
N ASP H 122 24.24 -66.96 27.64
CA ASP H 122 25.69 -67.07 27.73
C ASP H 122 26.35 -66.65 26.42
N GLU H 123 25.69 -66.87 25.29
CA GLU H 123 26.23 -66.47 24.01
C GLU H 123 26.39 -64.96 23.89
N GLN H 124 25.41 -64.19 24.39
CA GLN H 124 25.49 -62.74 24.30
C GLN H 124 26.56 -62.16 25.21
N LEU H 125 26.69 -62.69 26.43
CA LEU H 125 27.63 -62.12 27.40
C LEU H 125 29.05 -62.05 26.86
N LYS H 126 29.46 -63.03 26.05
CA LYS H 126 30.80 -63.05 25.50
C LYS H 126 31.06 -61.87 24.57
N SER H 127 30.02 -61.23 24.05
CA SER H 127 30.19 -60.05 23.19
C SER H 127 30.38 -58.76 23.97
N GLY H 128 30.19 -58.79 25.29
CA GLY H 128 30.36 -57.61 26.12
C GLY H 128 29.09 -56.89 26.52
N THR H 129 27.93 -57.36 26.10
CA THR H 129 26.66 -56.76 26.45
C THR H 129 25.75 -57.80 27.09
N ALA H 130 24.98 -57.37 28.09
CA ALA H 130 24.02 -58.22 28.79
C ALA H 130 22.64 -57.60 28.63
N SER H 131 21.71 -58.37 28.09
CA SER H 131 20.31 -57.95 27.96
C SER H 131 19.47 -58.82 28.88
N VAL H 132 18.83 -58.20 29.87
CA VAL H 132 17.88 -58.87 30.75
C VAL H 132 16.49 -58.52 30.27
N VAL H 133 15.67 -59.54 30.01
CA VAL H 133 14.36 -59.35 29.40
C VAL H 133 13.29 -59.73 30.41
N CYS H 134 12.27 -58.89 30.52
CA CYS H 134 11.12 -59.12 31.38
C CYS H 134 9.87 -59.14 30.52
N LEU H 135 9.07 -60.20 30.66
CA LEU H 135 7.86 -60.39 29.88
C LEU H 135 6.64 -60.31 30.78
N LEU H 136 5.70 -59.44 30.40
CA LEU H 136 4.38 -59.34 31.04
C LEU H 136 3.38 -59.87 30.02
N ASN H 137 2.76 -61.00 30.34
CA ASN H 137 1.95 -61.72 29.35
C ASN H 137 0.48 -61.64 29.72
N ASN H 138 -0.34 -61.20 28.74
CA ASN H 138 -1.80 -61.30 28.78
C ASN H 138 -2.39 -60.63 30.02
N PHE H 139 -2.23 -59.30 30.07
CA PHE H 139 -2.75 -58.51 31.17
C PHE H 139 -3.70 -57.44 30.64
N TYR H 140 -4.48 -56.87 31.57
CA TYR H 140 -5.40 -55.77 31.31
C TYR H 140 -5.65 -55.06 32.64
N PRO H 141 -5.70 -53.73 32.67
CA PRO H 141 -5.64 -52.78 31.55
C PRO H 141 -4.21 -52.53 31.03
N ARG H 142 -4.13 -51.65 30.03
CA ARG H 142 -2.86 -51.37 29.38
C ARG H 142 -1.87 -50.72 30.33
N GLU H 143 -2.34 -49.80 31.17
CA GLU H 143 -1.46 -49.02 32.02
C GLU H 143 -0.78 -49.91 33.06
N ALA H 144 0.54 -49.98 32.99
CA ALA H 144 1.32 -50.77 33.93
C ALA H 144 2.70 -50.16 34.05
N LYS H 145 3.20 -50.10 35.28
CA LYS H 145 4.50 -49.50 35.58
C LYS H 145 5.51 -50.62 35.82
N VAL H 146 6.57 -50.65 35.00
CA VAL H 146 7.62 -51.67 35.10
C VAL H 146 8.87 -51.00 35.66
N GLN H 147 9.44 -51.61 36.69
CA GLN H 147 10.60 -51.06 37.39
C GLN H 147 11.65 -52.17 37.52
N TRP H 148 12.90 -51.83 37.22
CA TRP H 148 14.01 -52.76 37.33
C TRP H 148 14.80 -52.51 38.61
N LYS H 149 15.18 -53.59 39.28
CA LYS H 149 16.00 -53.52 40.49
C LYS H 149 17.18 -54.46 40.33
N VAL H 150 18.38 -53.95 40.60
CA VAL H 150 19.60 -54.74 40.56
C VAL H 150 20.24 -54.65 41.95
N ASP H 151 20.30 -55.79 42.65
CA ASP H 151 20.68 -55.82 44.06
C ASP H 151 19.84 -54.81 44.86
N ASN H 152 18.54 -54.82 44.60
CA ASN H 152 17.55 -53.94 45.22
C ASN H 152 17.77 -52.47 44.92
N ALA H 153 18.64 -52.14 43.98
CA ALA H 153 18.90 -50.76 43.60
C ALA H 153 18.04 -50.39 42.40
N LEU H 154 17.35 -49.25 42.50
CA LEU H 154 16.43 -48.83 41.46
C LEU H 154 17.19 -48.44 40.20
N GLN H 155 16.66 -48.84 39.04
CA GLN H 155 17.29 -48.55 37.75
C GLN H 155 16.50 -47.48 37.00
N SER H 156 17.21 -46.67 36.22
CA SER H 156 16.59 -45.66 35.38
C SER H 156 17.49 -45.35 34.19
N GLY H 157 16.87 -45.12 33.03
CA GLY H 157 17.57 -44.71 31.84
C GLY H 157 18.23 -45.82 31.04
N ASN H 158 18.21 -47.07 31.52
CA ASN H 158 18.92 -48.16 30.87
C ASN H 158 17.97 -49.29 30.45
N SER H 159 16.70 -48.98 30.23
CA SER H 159 15.73 -49.98 29.78
C SER H 159 14.83 -49.38 28.70
N GLN H 160 14.27 -50.27 27.88
CA GLN H 160 13.32 -49.90 26.83
C GLN H 160 12.17 -50.87 26.85
N GLU H 161 10.98 -50.37 26.55
CA GLU H 161 9.77 -51.16 26.66
C GLU H 161 9.06 -51.20 25.32
N SER H 162 8.30 -52.28 25.11
CA SER H 162 7.53 -52.46 23.89
C SER H 162 6.24 -53.19 24.27
N VAL H 163 5.13 -52.80 23.64
CA VAL H 163 3.81 -53.32 23.99
C VAL H 163 3.12 -53.77 22.71
N THR H 164 2.42 -54.90 22.78
CA THR H 164 1.65 -55.38 21.64
C THR H 164 0.35 -54.59 21.49
N GLU H 165 -0.28 -54.74 20.34
CA GLU H 165 -1.64 -54.27 20.17
C GLU H 165 -2.59 -55.19 20.93
N GLN H 166 -3.77 -54.68 21.24
CA GLN H 166 -4.76 -55.46 21.96
C GLN H 166 -5.14 -56.71 21.16
N ASP H 167 -5.12 -57.86 21.83
CA ASP H 167 -5.33 -59.12 21.14
C ASP H 167 -6.76 -59.21 20.61
N SER H 168 -6.91 -59.91 19.48
CA SER H 168 -8.22 -60.05 18.86
C SER H 168 -9.10 -61.03 19.62
N LYS H 169 -8.50 -62.03 20.27
CA LYS H 169 -9.27 -63.08 20.92
C LYS H 169 -9.60 -62.76 22.38
N ASP H 170 -8.60 -62.60 23.24
CA ASP H 170 -8.84 -62.32 24.65
C ASP H 170 -8.74 -60.83 24.98
N SER H 171 -8.39 -59.99 24.01
CA SER H 171 -8.30 -58.54 24.16
C SER H 171 -7.41 -58.13 25.34
N THR H 172 -6.30 -58.84 25.51
CA THR H 172 -5.31 -58.48 26.52
C THR H 172 -4.13 -57.78 25.86
N TYR H 173 -3.17 -57.35 26.68
CA TYR H 173 -1.93 -56.76 26.23
C TYR H 173 -0.76 -57.61 26.72
N SER H 174 0.35 -57.50 26.01
CA SER H 174 1.61 -58.07 26.47
C SER H 174 2.69 -57.02 26.33
N LEU H 175 3.66 -57.06 27.24
CA LEU H 175 4.72 -56.06 27.30
C LEU H 175 6.06 -56.77 27.50
N SER H 176 7.07 -56.27 26.82
CA SER H 176 8.44 -56.71 27.04
C SER H 176 9.29 -55.50 27.43
N SER H 177 10.13 -55.70 28.44
CA SER H 177 11.06 -54.67 28.89
C SER H 177 12.46 -55.27 28.89
N THR H 178 13.41 -54.58 28.30
CA THR H 178 14.79 -55.05 28.20
C THR H 178 15.69 -54.10 28.99
N LEU H 179 16.43 -54.65 29.93
CA LEU H 179 17.44 -53.92 30.69
C LEU H 179 18.79 -54.20 30.06
N THR H 180 19.46 -53.15 29.58
CA THR H 180 20.73 -53.30 28.88
C THR H 180 21.86 -52.86 29.81
N LEU H 181 22.79 -53.77 30.07
CA LEU H 181 23.95 -53.50 30.90
C LEU H 181 25.20 -54.00 30.18
N SER H 182 26.34 -53.46 30.58
CA SER H 182 27.60 -54.01 30.13
C SER H 182 27.85 -55.36 30.81
N LYS H 183 28.68 -56.19 30.18
CA LYS H 183 29.04 -57.46 30.80
C LYS H 183 29.70 -57.24 32.15
N ALA H 184 30.56 -56.21 32.26
CA ALA H 184 31.22 -55.94 33.53
C ALA H 184 30.22 -55.62 34.62
N ASP H 185 29.26 -54.74 34.33
CA ASP H 185 28.27 -54.38 35.32
C ASP H 185 27.38 -55.56 35.68
N TYR H 186 27.03 -56.40 34.71
CA TYR H 186 26.16 -57.54 34.99
C TYR H 186 26.81 -58.51 35.95
N GLU H 187 28.12 -58.74 35.81
CA GLU H 187 28.83 -59.63 36.72
C GLU H 187 29.10 -59.03 38.09
N LYS H 188 28.91 -57.72 38.26
CA LYS H 188 29.16 -57.06 39.53
C LYS H 188 28.00 -57.19 40.51
N HIS H 189 26.89 -57.79 40.10
CA HIS H 189 25.69 -57.84 40.91
C HIS H 189 25.13 -59.26 40.91
N LYS H 190 24.21 -59.51 41.84
CA LYS H 190 23.69 -60.85 42.08
C LYS H 190 22.21 -60.99 41.76
N VAL H 191 21.36 -60.11 42.31
CA VAL H 191 19.91 -60.26 42.22
C VAL H 191 19.37 -59.31 41.16
N TYR H 192 18.61 -59.85 40.22
CA TYR H 192 17.97 -59.07 39.17
C TYR H 192 16.47 -59.27 39.24
N ALA H 193 15.73 -58.17 39.33
CA ALA H 193 14.30 -58.21 39.62
C ALA H 193 13.55 -57.31 38.66
N CYS H 194 12.37 -57.77 38.24
CA CYS H 194 11.46 -57.00 37.41
C CYS H 194 10.15 -56.83 38.18
N GLU H 195 9.82 -55.59 38.52
CA GLU H 195 8.64 -55.27 39.31
C GLU H 195 7.57 -54.65 38.42
N VAL H 196 6.35 -55.14 38.54
CA VAL H 196 5.21 -54.63 37.79
C VAL H 196 4.18 -54.14 38.79
N THR H 197 3.74 -52.89 38.61
CA THR H 197 2.75 -52.27 39.48
C THR H 197 1.51 -51.93 38.68
N GLN H 198 0.35 -52.33 39.20
CA GLN H 198 -0.94 -51.95 38.65
C GLN H 198 -1.88 -51.74 39.84
N GLY H 199 -2.41 -50.52 39.97
CA GLY H 199 -3.27 -50.24 41.10
C GLY H 199 -2.54 -50.43 42.41
N THR H 200 -3.12 -51.23 43.30
CA THR H 200 -2.58 -51.46 44.63
C THR H 200 -1.71 -52.71 44.72
N THR H 201 -1.40 -53.34 43.60
CA THR H 201 -0.65 -54.60 43.58
C THR H 201 0.67 -54.42 42.84
N SER H 202 1.75 -54.90 43.44
CA SER H 202 3.05 -55.00 42.79
C SER H 202 3.50 -56.45 42.80
N VAL H 203 4.00 -56.92 41.66
CA VAL H 203 4.52 -58.28 41.52
C VAL H 203 5.95 -58.19 41.03
N THR H 204 6.86 -58.87 41.72
CA THR H 204 8.28 -58.86 41.41
C THR H 204 8.74 -60.27 41.08
N LYS H 205 9.23 -60.46 39.87
CA LYS H 205 9.89 -61.70 39.47
C LYS H 205 11.40 -61.45 39.45
N SER H 206 12.18 -62.42 39.95
CA SER H 206 13.60 -62.22 40.07
C SER H 206 14.36 -63.50 39.76
N PHE H 207 15.67 -63.35 39.60
CA PHE H 207 16.57 -64.49 39.51
C PHE H 207 17.90 -64.10 40.13
N ASN H 208 18.67 -65.11 40.50
CA ASN H 208 20.02 -64.96 41.01
C ASN H 208 21.00 -65.36 39.92
N ARG H 209 21.96 -64.48 39.62
CA ARG H 209 22.94 -64.74 38.57
C ARG H 209 23.79 -65.95 38.93
N GLY H 210 23.66 -67.02 38.17
CA GLY H 210 24.42 -68.23 38.43
C GLY H 210 23.54 -69.43 38.75
N GLU H 211 22.49 -69.22 39.54
CA GLU H 211 21.57 -70.30 39.88
C GLU H 211 20.59 -70.56 38.74
#